data_7CU2
#
_entry.id   7CU2
#
_cell.length_a   54.454
_cell.length_b   119.311
_cell.length_c   86.627
_cell.angle_alpha   90.000
_cell.angle_beta   104.370
_cell.angle_gamma   90.000
#
_symmetry.space_group_name_H-M   'P 1 21 1'
#
loop_
_entity.id
_entity.type
_entity.pdbx_description
1 polymer 'Tryptophan 6-halogenase'
2 non-polymer 'DIHYDROFLAVINE-ADENINE DINUCLEOTIDE'
3 water water
#
_entity_poly.entity_id   1
_entity_poly.type   'polypeptide(L)'
_entity_poly.pdbx_seq_one_letter_code
;MGSSHHHHHHSSGLVPRGSHMDNRIKTVVILGGGTAGWMTAAYLGKALQNTVKIVVLEAPTIPRIGVGEATVPNLQRAFF
DYLGIPEEEWMRECNASYKMAVKFINWRTPGEGSPDPRTLDDGHTDTFHHPFGLLPSADQIPLSHYWAAKRLQGETDENF
DEACFADTAIMNAKKAPRFLDMRRATNYAWHFDASKVAAFLRNFAVTKQAVEHVEDEMTEVLTDERGFITALRTKSGRIL
QGDLFVDCSGFRGLLINKAMEEPFIDMSDHLLCNSAVATAVPHDDEKNGVEPYTSSIAMEAGWTWKIPMLGRFGSGHVYS
DHFATQDEATLAFSKLWGLDPDNTEFNHVRFRVGRNRRAWVRNCVSVGLASCFVEPLESSGIYFIYAAIHMLAKHFPDKT
FDKVLVDRFNREIEEMFDDTRDFLQAHYYFSPRVDTPFWRANKELKLADSIKDKVETYRAGLPVNLPVTDEGTYYGNFEA
EFRNFWTNGSYYCIFAGLGLMPRNPLPALAYKPQSIAEAELLFADVKRKGDTLVESLPSTYDLLRQLHGAS
;
_entity_poly.pdbx_strand_id   A,B
#
# COMPACT_ATOMS: atom_id res chain seq x y z
N MET A 21 5.78 -23.13 31.84
CA MET A 21 5.52 -21.87 32.59
C MET A 21 4.76 -20.94 31.61
N ASP A 22 3.49 -20.62 31.91
CA ASP A 22 2.65 -19.69 31.09
C ASP A 22 3.39 -18.35 30.91
N ASN A 23 3.59 -17.95 29.67
CA ASN A 23 4.44 -16.81 29.43
C ASN A 23 3.61 -15.54 29.17
N ARG A 24 2.28 -15.66 29.15
CA ARG A 24 1.38 -14.55 28.76
C ARG A 24 1.38 -13.45 29.82
N ILE A 25 1.09 -12.26 29.32
CA ILE A 25 0.81 -11.09 30.12
C ILE A 25 -0.47 -11.37 30.89
N LYS A 26 -0.50 -11.21 32.22
CA LYS A 26 -1.76 -11.45 32.98
C LYS A 26 -2.40 -10.11 33.38
N THR A 27 -1.57 -9.05 33.52
CA THR A 27 -2.06 -7.76 33.94
C THR A 27 -1.42 -6.64 33.11
N VAL A 28 -2.31 -5.79 32.62
CA VAL A 28 -2.02 -4.59 31.86
C VAL A 28 -2.42 -3.42 32.75
N VAL A 29 -1.48 -2.51 33.00
CA VAL A 29 -1.73 -1.32 33.77
C VAL A 29 -1.56 -0.11 32.85
N ILE A 30 -2.67 0.64 32.72
CA ILE A 30 -2.78 1.85 31.95
C ILE A 30 -2.74 3.04 32.92
N LEU A 31 -1.77 3.93 32.74
CA LEU A 31 -1.68 5.12 33.56
C LEU A 31 -2.34 6.25 32.79
N GLY A 32 -3.42 6.77 33.31
CA GLY A 32 -4.09 7.89 32.69
C GLY A 32 -5.50 7.52 32.27
N GLY A 33 -6.41 8.43 32.48
CA GLY A 33 -7.78 8.22 32.20
C GLY A 33 -8.35 9.38 31.42
N GLY A 34 -7.60 9.98 30.52
CA GLY A 34 -8.13 10.83 29.51
C GLY A 34 -8.54 9.98 28.31
N THR A 35 -8.64 10.61 27.16
CA THR A 35 -9.07 9.89 26.00
C THR A 35 -8.15 8.70 25.70
N ALA A 36 -6.84 8.87 25.82
CA ALA A 36 -5.89 7.82 25.39
C ALA A 36 -6.06 6.59 26.27
N GLY A 37 -6.00 6.82 27.57
CA GLY A 37 -6.31 5.83 28.54
C GLY A 37 -7.60 5.09 28.24
N TRP A 38 -8.74 5.75 28.11
CA TRP A 38 -9.98 4.96 28.07
C TRP A 38 -10.18 4.30 26.69
N MET A 39 -9.68 4.88 25.62
CA MET A 39 -9.68 4.18 24.33
C MET A 39 -8.82 2.92 24.47
N THR A 40 -7.65 3.05 25.10
CA THR A 40 -6.77 1.90 25.24
C THR A 40 -7.51 0.78 26.01
N ALA A 41 -8.12 1.12 27.15
CA ALA A 41 -8.78 0.12 28.01
C ALA A 41 -9.94 -0.55 27.26
N ALA A 42 -10.77 0.23 26.62
CA ALA A 42 -11.88 -0.37 25.90
C ALA A 42 -11.37 -1.27 24.76
N TYR A 43 -10.38 -0.83 24.01
CA TYR A 43 -10.00 -1.61 22.88
C TYR A 43 -9.31 -2.89 23.34
N LEU A 44 -8.43 -2.75 24.32
CA LEU A 44 -7.76 -3.94 24.85
C LEU A 44 -8.79 -4.88 25.45
N GLY A 45 -9.81 -4.35 26.10
CA GLY A 45 -10.84 -5.18 26.74
C GLY A 45 -11.55 -6.08 25.74
N LYS A 46 -11.73 -5.60 24.51
CA LYS A 46 -12.32 -6.39 23.45
C LYS A 46 -11.24 -7.31 22.86
N ALA A 47 -10.07 -6.76 22.56
CA ALA A 47 -9.02 -7.48 21.85
C ALA A 47 -8.50 -8.66 22.66
N LEU A 48 -8.39 -8.52 23.98
CA LEU A 48 -7.73 -9.59 24.74
C LEU A 48 -8.76 -10.60 25.27
N GLN A 49 -10.03 -10.41 24.93
CA GLN A 49 -11.12 -11.38 25.15
C GLN A 49 -11.17 -11.86 26.61
N ASN A 50 -11.02 -10.95 27.58
CA ASN A 50 -11.17 -11.24 29.03
C ASN A 50 -10.17 -12.31 29.49
N THR A 51 -9.02 -12.43 28.85
CA THR A 51 -7.97 -13.33 29.35
C THR A 51 -6.91 -12.54 30.11
N VAL A 52 -7.12 -11.23 30.22
CA VAL A 52 -6.13 -10.39 30.81
C VAL A 52 -6.85 -9.39 31.71
N LYS A 53 -6.21 -9.12 32.85
CA LYS A 53 -6.69 -8.12 33.78
C LYS A 53 -6.22 -6.73 33.30
N ILE A 54 -7.18 -5.80 33.16
CA ILE A 54 -6.87 -4.45 32.71
C ILE A 54 -7.10 -3.47 33.86
N VAL A 55 -6.09 -2.67 34.18
CA VAL A 55 -6.19 -1.71 35.26
C VAL A 55 -5.88 -0.32 34.71
N VAL A 56 -6.78 0.61 35.01
CA VAL A 56 -6.61 2.00 34.71
C VAL A 56 -6.35 2.74 36.03
N LEU A 57 -5.11 3.22 36.20
CA LEU A 57 -4.81 4.14 37.28
C LEU A 57 -4.89 5.55 36.74
N GLU A 58 -5.66 6.42 37.39
CA GLU A 58 -5.76 7.83 36.98
C GLU A 58 -6.25 8.73 38.13
N ALA A 59 -5.75 9.96 38.11
CA ALA A 59 -6.14 10.93 39.11
C ALA A 59 -7.41 11.69 38.67
N PRO A 60 -8.31 11.95 39.61
CA PRO A 60 -9.55 12.67 39.27
C PRO A 60 -9.33 14.05 38.65
N THR A 61 -8.32 14.80 39.12
CA THR A 61 -8.01 16.19 38.62
C THR A 61 -9.23 17.11 38.80
N ILE A 62 -9.77 17.69 37.70
CA ILE A 62 -10.95 18.61 37.72
C ILE A 62 -11.69 18.50 36.37
N PRO A 63 -12.90 19.08 36.27
CA PRO A 63 -13.70 19.16 35.03
C PRO A 63 -13.50 20.50 34.29
N ARG A 64 -13.29 20.50 32.97
CA ARG A 64 -12.92 21.77 32.25
C ARG A 64 -13.80 21.95 31.00
N ILE A 65 -13.73 23.18 30.46
CA ILE A 65 -14.53 23.57 29.27
C ILE A 65 -14.13 22.66 28.11
N GLY A 66 -15.14 22.18 27.36
CA GLY A 66 -14.95 21.33 26.16
C GLY A 66 -14.77 22.20 24.92
N VAL A 67 -13.51 22.32 24.48
CA VAL A 67 -13.13 23.23 23.38
C VAL A 67 -13.18 22.47 22.03
N GLY A 68 -13.58 21.20 22.11
CA GLY A 68 -13.97 20.43 20.98
C GLY A 68 -12.79 19.86 20.25
N GLU A 69 -13.04 18.69 19.65
CA GLU A 69 -12.04 18.02 18.84
C GLU A 69 -12.70 17.54 17.54
N ALA A 70 -11.87 17.49 16.51
CA ALA A 70 -12.26 17.08 15.22
C ALA A 70 -11.55 15.77 14.92
N THR A 71 -12.01 15.03 13.92
CA THR A 71 -11.55 13.68 13.63
C THR A 71 -11.48 13.48 12.11
N VAL A 72 -11.08 12.28 11.75
CA VAL A 72 -10.97 11.82 10.39
C VAL A 72 -11.89 10.60 10.26
N PRO A 73 -12.28 10.24 9.02
CA PRO A 73 -13.37 9.29 8.71
C PRO A 73 -13.22 7.85 9.23
N ASN A 74 -11.98 7.39 9.45
CA ASN A 74 -11.69 6.00 9.92
C ASN A 74 -11.99 5.87 11.43
N LEU A 75 -12.28 6.93 12.18
CA LEU A 75 -12.51 6.76 13.60
C LEU A 75 -13.54 5.64 13.83
N GLN A 76 -14.66 5.62 13.07
CA GLN A 76 -15.76 4.64 13.30
C GLN A 76 -15.33 3.21 12.91
N ARG A 77 -14.74 3.00 11.72
CA ARG A 77 -14.30 1.65 11.23
C ARG A 77 -13.20 1.05 12.12
N ALA A 78 -12.12 1.81 12.28
CA ALA A 78 -10.92 1.41 12.99
C ALA A 78 -11.13 1.34 14.51
N PHE A 79 -12.16 1.95 15.09
CA PHE A 79 -12.25 1.96 16.58
C PHE A 79 -13.65 1.52 17.03
N PHE A 80 -14.66 2.34 16.79
CA PHE A 80 -15.96 2.13 17.42
C PHE A 80 -16.63 0.84 16.91
N ASP A 81 -16.38 0.50 15.65
CA ASP A 81 -16.95 -0.70 15.06
C ASP A 81 -16.31 -1.95 15.66
N TYR A 82 -15.03 -1.86 16.05
CA TYR A 82 -14.35 -2.99 16.65
C TYR A 82 -15.02 -3.35 17.99
N LEU A 83 -15.49 -2.32 18.68
CA LEU A 83 -16.13 -2.44 19.98
C LEU A 83 -17.62 -2.75 19.81
N GLY A 84 -18.11 -2.77 18.58
CA GLY A 84 -19.56 -2.97 18.35
C GLY A 84 -20.39 -1.78 18.83
N ILE A 85 -19.85 -0.56 18.77
CA ILE A 85 -20.62 0.62 19.19
C ILE A 85 -21.09 1.35 17.91
N PRO A 86 -22.41 1.40 17.67
CA PRO A 86 -22.99 2.06 16.49
C PRO A 86 -22.70 3.56 16.55
N GLU A 87 -22.59 4.19 15.38
CA GLU A 87 -22.18 5.59 15.22
C GLU A 87 -23.08 6.51 16.05
N GLU A 88 -24.39 6.32 15.85
CA GLU A 88 -25.44 7.19 16.41
C GLU A 88 -25.46 7.11 17.93
N GLU A 89 -25.09 5.94 18.46
CA GLU A 89 -25.10 5.68 19.91
C GLU A 89 -24.01 6.52 20.57
N TRP A 90 -22.80 6.57 19.98
CA TRP A 90 -21.71 7.29 20.64
C TRP A 90 -21.84 8.78 20.33
N MET A 91 -22.25 9.11 19.12
CA MET A 91 -22.48 10.52 18.80
C MET A 91 -23.52 11.11 19.77
N ARG A 92 -24.64 10.41 19.98
CA ARG A 92 -25.70 10.90 20.88
C ARG A 92 -25.18 11.19 22.29
N GLU A 93 -24.07 10.58 22.69
CA GLU A 93 -23.51 10.75 24.03
C GLU A 93 -22.46 11.88 24.09
N CYS A 94 -22.02 12.49 22.99
CA CYS A 94 -20.96 13.54 23.16
C CYS A 94 -21.26 14.79 22.34
N ASN A 95 -22.55 15.07 22.14
CA ASN A 95 -23.04 16.16 21.32
C ASN A 95 -22.27 16.24 19.99
N ALA A 96 -22.07 15.13 19.31
CA ALA A 96 -21.23 15.12 18.14
C ALA A 96 -21.92 15.86 16.99
N SER A 97 -21.11 16.29 16.04
CA SER A 97 -21.60 16.88 14.79
C SER A 97 -20.75 16.33 13.62
N TYR A 98 -21.12 16.69 12.38
CA TYR A 98 -20.48 16.17 11.17
C TYR A 98 -19.37 17.10 10.69
N LYS A 99 -18.29 16.52 10.15
CA LYS A 99 -17.16 17.23 9.56
C LYS A 99 -16.87 16.67 8.16
N MET A 100 -17.06 17.48 7.13
CA MET A 100 -16.86 17.01 5.76
C MET A 100 -15.48 17.47 5.26
N ALA A 101 -14.85 18.37 6.02
CA ALA A 101 -13.56 18.95 5.58
C ALA A 101 -12.96 19.84 6.65
N VAL A 102 -11.74 20.29 6.37
CA VAL A 102 -11.16 21.44 7.03
C VAL A 102 -11.23 22.55 6.00
N LYS A 103 -11.68 23.73 6.39
CA LYS A 103 -11.85 24.85 5.51
C LYS A 103 -10.87 25.97 5.88
N PHE A 104 -9.98 26.34 4.99
CA PHE A 104 -8.88 27.29 5.35
C PHE A 104 -9.30 28.71 4.99
N ILE A 105 -9.31 29.59 5.97
CA ILE A 105 -9.83 30.94 5.76
C ILE A 105 -8.69 31.92 5.99
N ASN A 106 -8.34 32.66 4.93
CA ASN A 106 -7.35 33.78 4.98
C ASN A 106 -5.91 33.27 5.18
N TRP A 107 -5.63 32.04 4.78
CA TRP A 107 -4.28 31.55 4.77
C TRP A 107 -3.46 32.16 3.62
N ARG A 108 -4.06 32.90 2.68
CA ARG A 108 -3.31 33.41 1.53
C ARG A 108 -3.15 34.93 1.55
N THR A 109 -3.83 35.61 2.46
CA THR A 109 -3.86 37.06 2.47
C THR A 109 -3.45 37.57 3.86
N PRO A 110 -2.81 38.72 3.88
CA PRO A 110 -2.25 39.24 5.10
C PRO A 110 -3.27 39.96 5.98
N GLY A 111 -2.89 40.17 7.25
CA GLY A 111 -3.61 41.04 8.17
C GLY A 111 -4.06 40.28 9.39
N GLU A 112 -4.71 40.97 10.30
CA GLU A 112 -5.24 40.36 11.48
C GLU A 112 -6.24 39.26 11.07
N GLY A 113 -6.51 38.34 12.00
CA GLY A 113 -7.55 37.35 11.82
C GLY A 113 -8.93 37.97 11.73
N SER A 114 -9.77 37.37 10.87
CA SER A 114 -11.22 37.59 10.80
C SER A 114 -11.88 36.25 10.44
N PRO A 115 -13.05 35.94 11.05
CA PRO A 115 -13.83 34.78 10.59
C PRO A 115 -14.27 34.91 9.13
N ASP A 116 -14.32 36.15 8.61
CA ASP A 116 -14.86 36.39 7.26
C ASP A 116 -13.69 36.45 6.26
N PRO A 117 -13.82 35.73 5.16
CA PRO A 117 -12.71 35.73 4.22
C PRO A 117 -12.42 37.07 3.56
N ARG A 118 -11.12 37.34 3.35
CA ARG A 118 -10.67 38.48 2.60
C ARG A 118 -10.77 38.16 1.12
N THR A 119 -10.70 39.14 0.26
CA THR A 119 -10.94 38.91 -1.14
C THR A 119 -9.58 38.89 -1.84
N LEU A 120 -9.33 37.85 -2.64
CA LEU A 120 -8.03 37.71 -3.30
C LEU A 120 -7.92 38.71 -4.45
N ASP A 121 -6.71 38.82 -5.00
CA ASP A 121 -6.44 39.73 -6.12
C ASP A 121 -7.37 39.39 -7.31
N ASP A 122 -7.72 38.11 -7.54
CA ASP A 122 -8.59 37.70 -8.69
C ASP A 122 -10.10 37.80 -8.38
N GLY A 123 -10.51 38.36 -7.24
CA GLY A 123 -11.95 38.55 -6.94
C GLY A 123 -12.57 37.43 -6.09
N HIS A 124 -11.93 36.26 -6.00
CA HIS A 124 -12.44 35.13 -5.18
C HIS A 124 -12.27 35.43 -3.69
N THR A 125 -13.10 34.81 -2.87
CA THR A 125 -12.86 34.78 -1.41
C THR A 125 -11.65 33.89 -1.12
N ASP A 126 -10.94 34.21 -0.04
CA ASP A 126 -9.74 33.50 0.35
C ASP A 126 -10.15 32.35 1.28
N THR A 127 -10.71 31.31 0.66
CA THR A 127 -11.13 30.10 1.32
C THR A 127 -10.85 28.95 0.36
N PHE A 128 -10.38 27.83 0.87
CA PHE A 128 -10.22 26.60 0.08
C PHE A 128 -10.51 25.44 1.01
N HIS A 129 -10.95 24.33 0.44
CA HIS A 129 -11.43 23.19 1.24
C HIS A 129 -10.44 22.04 1.14
N HIS A 130 -10.38 21.28 2.23
CA HIS A 130 -9.82 19.98 2.23
C HIS A 130 -10.92 18.97 2.60
N PRO A 131 -11.63 18.45 1.59
CA PRO A 131 -12.68 17.44 1.82
C PRO A 131 -12.16 16.01 2.06
N PHE A 132 -13.08 15.13 2.41
CA PHE A 132 -12.75 13.72 2.55
C PHE A 132 -13.25 12.92 1.34
N GLY A 133 -13.97 13.52 0.42
CA GLY A 133 -14.43 12.79 -0.80
C GLY A 133 -13.25 12.30 -1.63
N LEU A 134 -13.22 11.02 -1.99
CA LEU A 134 -12.11 10.53 -2.82
C LEU A 134 -12.39 10.98 -4.25
N LEU A 135 -11.33 11.22 -5.02
CA LEU A 135 -11.48 11.75 -6.37
C LEU A 135 -11.85 10.61 -7.31
N PRO A 136 -12.59 10.92 -8.35
CA PRO A 136 -12.78 9.92 -9.42
C PRO A 136 -11.62 10.02 -10.44
N SER A 137 -11.52 9.01 -11.30
CA SER A 137 -10.47 8.88 -12.26
C SER A 137 -11.01 8.57 -13.66
N ALA A 138 -10.35 9.16 -14.66
CA ALA A 138 -10.49 8.75 -16.05
C ALA A 138 -9.12 8.24 -16.50
N ASP A 139 -9.10 7.02 -17.02
CA ASP A 139 -7.90 6.40 -17.60
C ASP A 139 -6.79 6.24 -16.53
N GLN A 140 -7.17 5.76 -15.35
CA GLN A 140 -6.25 5.55 -14.23
C GLN A 140 -5.57 6.87 -13.82
N ILE A 141 -6.18 8.01 -14.11
CA ILE A 141 -5.65 9.31 -13.73
C ILE A 141 -6.69 10.05 -12.89
N PRO A 142 -6.29 10.56 -11.73
CA PRO A 142 -7.19 11.32 -10.87
C PRO A 142 -7.67 12.62 -11.53
N LEU A 143 -8.89 13.02 -11.14
CA LEU A 143 -9.57 14.14 -11.75
C LEU A 143 -8.77 15.40 -11.47
N SER A 144 -8.13 15.44 -10.32
CA SER A 144 -7.18 16.55 -9.99
C SER A 144 -6.24 16.87 -11.16
N HIS A 145 -5.74 15.83 -11.84
CA HIS A 145 -4.70 16.01 -12.87
C HIS A 145 -5.27 16.65 -14.15
N TYR A 146 -6.50 16.24 -14.48
CA TYR A 146 -7.32 16.88 -15.53
C TYR A 146 -7.55 18.35 -15.17
N TRP A 147 -7.93 18.65 -13.92
CA TRP A 147 -8.10 20.04 -13.46
C TRP A 147 -6.79 20.84 -13.67
N ALA A 148 -5.64 20.30 -13.23
CA ALA A 148 -4.38 21.05 -13.25
C ALA A 148 -3.97 21.36 -14.68
N ALA A 149 -4.15 20.40 -15.58
CA ALA A 149 -3.82 20.62 -16.98
C ALA A 149 -4.63 21.79 -17.52
N LYS A 150 -5.96 21.76 -17.30
CA LYS A 150 -6.82 22.81 -17.85
C LYS A 150 -6.40 24.15 -17.24
N ARG A 151 -6.02 24.11 -15.97
CA ARG A 151 -5.72 25.32 -15.24
C ARG A 151 -4.41 25.90 -15.78
N LEU A 152 -3.41 25.06 -16.03
CA LEU A 152 -2.09 25.56 -16.46
C LEU A 152 -2.14 25.94 -17.94
N GLN A 153 -3.17 25.48 -18.65
CA GLN A 153 -3.31 25.73 -20.08
C GLN A 153 -4.25 26.93 -20.32
N GLY A 154 -4.95 27.42 -19.29
CA GLY A 154 -5.82 28.59 -19.39
C GLY A 154 -7.22 28.24 -19.87
N GLU A 155 -7.67 27.02 -19.59
CA GLU A 155 -8.91 26.53 -20.14
C GLU A 155 -10.01 26.50 -19.07
N THR A 156 -9.63 26.71 -17.81
CA THR A 156 -10.54 26.88 -16.67
C THR A 156 -9.94 27.92 -15.73
N ASP A 157 -10.84 28.72 -15.15
CA ASP A 157 -10.50 29.70 -14.16
C ASP A 157 -10.90 29.15 -12.79
N GLU A 158 -11.33 27.90 -12.72
CA GLU A 158 -12.07 27.41 -11.55
C GLU A 158 -11.09 26.88 -10.50
N ASN A 159 -11.51 26.92 -9.23
CA ASN A 159 -10.69 26.43 -8.14
C ASN A 159 -10.73 24.89 -8.09
N PHE A 160 -9.69 24.30 -7.52
CA PHE A 160 -9.56 22.86 -7.46
C PHE A 160 -10.72 22.27 -6.64
N ASP A 161 -11.00 22.88 -5.50
CA ASP A 161 -11.99 22.31 -4.61
C ASP A 161 -13.37 22.41 -5.25
N GLU A 162 -13.66 23.49 -5.95
CA GLU A 162 -14.96 23.61 -6.65
C GLU A 162 -15.00 22.63 -7.84
N ALA A 163 -13.87 22.50 -8.54
CA ALA A 163 -13.85 21.68 -9.75
C ALA A 163 -14.08 20.20 -9.43
N CYS A 164 -13.50 19.68 -8.32
CA CYS A 164 -13.26 18.28 -8.13
C CYS A 164 -14.09 17.64 -7.02
N PHE A 165 -14.80 18.40 -6.21
CA PHE A 165 -15.68 17.81 -5.21
C PHE A 165 -17.04 18.51 -5.12
N ALA A 166 -18.12 17.73 -5.23
CA ALA A 166 -19.50 18.21 -4.95
C ALA A 166 -19.68 18.53 -3.46
N ASP A 167 -18.82 17.96 -2.62
CA ASP A 167 -18.81 18.28 -1.19
C ASP A 167 -18.65 19.80 -1.01
N THR A 168 -17.89 20.45 -1.90
CA THR A 168 -17.64 21.87 -1.79
C THR A 168 -18.95 22.64 -1.91
N ALA A 169 -19.81 22.28 -2.85
CA ALA A 169 -21.12 22.96 -2.97
C ALA A 169 -21.97 22.61 -1.74
N ILE A 170 -21.95 21.36 -1.28
CA ILE A 170 -22.81 20.95 -0.12
C ILE A 170 -22.40 21.73 1.13
N MET A 171 -21.09 21.88 1.32
CA MET A 171 -20.55 22.58 2.47
C MET A 171 -20.93 24.06 2.36
N ASN A 172 -20.78 24.64 1.17
CA ASN A 172 -21.15 26.08 0.99
C ASN A 172 -22.64 26.33 1.33
N ALA A 173 -23.49 25.28 1.31
CA ALA A 173 -24.92 25.44 1.62
C ALA A 173 -25.24 25.00 3.04
N LYS A 174 -24.23 24.50 3.76
CA LYS A 174 -24.32 24.02 5.15
C LYS A 174 -25.21 22.78 5.23
N LYS A 175 -25.24 22.00 4.14
CA LYS A 175 -26.06 20.78 4.11
C LYS A 175 -25.31 19.59 4.71
N ALA A 176 -26.11 18.69 5.24
CA ALA A 176 -25.64 17.52 5.97
C ALA A 176 -25.08 16.47 5.01
N PRO A 177 -24.12 15.67 5.47
CA PRO A 177 -23.54 14.54 4.71
C PRO A 177 -24.40 13.28 4.65
N ARG A 178 -25.53 13.28 5.32
CA ARG A 178 -26.56 12.23 5.27
C ARG A 178 -27.96 12.83 5.12
N PHE A 179 -28.88 12.06 4.53
CA PHE A 179 -30.28 12.44 4.39
C PHE A 179 -31.01 12.18 5.71
N LEU A 180 -32.26 12.63 5.80
CA LEU A 180 -33.05 12.45 7.01
C LEU A 180 -33.36 10.97 7.26
N ASP A 181 -33.42 10.16 6.20
CA ASP A 181 -33.59 8.69 6.33
C ASP A 181 -32.27 8.04 6.76
N MET A 182 -31.21 8.85 6.95
CA MET A 182 -29.85 8.43 7.40
C MET A 182 -29.07 7.69 6.30
N ARG A 183 -29.43 7.89 5.04
CA ARG A 183 -28.67 7.37 3.90
C ARG A 183 -27.47 8.28 3.64
N ARG A 184 -26.33 7.68 3.33
CA ARG A 184 -25.09 8.44 3.20
C ARG A 184 -25.11 9.19 1.87
N ALA A 185 -24.63 10.43 1.87
CA ALA A 185 -24.48 11.17 0.61
C ALA A 185 -23.00 11.47 0.34
N THR A 186 -22.20 11.68 1.38
CA THR A 186 -20.82 12.08 1.20
C THR A 186 -19.98 11.35 2.23
N ASN A 187 -18.67 11.39 2.06
CA ASN A 187 -17.76 10.88 3.09
C ASN A 187 -17.63 11.97 4.16
N TYR A 188 -17.50 11.58 5.42
CA TYR A 188 -17.33 12.56 6.50
C TYR A 188 -16.64 11.92 7.73
N ALA A 189 -16.23 12.81 8.62
CA ALA A 189 -15.76 12.52 9.97
C ALA A 189 -16.60 13.29 11.02
N TRP A 190 -16.09 13.45 12.26
CA TRP A 190 -16.91 13.92 13.39
C TRP A 190 -16.30 15.11 14.14
N HIS A 191 -17.22 15.86 14.79
CA HIS A 191 -16.91 16.88 15.78
C HIS A 191 -17.53 16.49 17.11
N PHE A 192 -16.78 16.62 18.21
CA PHE A 192 -17.36 16.28 19.51
C PHE A 192 -16.51 16.82 20.67
N ASP A 193 -17.16 16.81 21.83
CA ASP A 193 -16.46 17.07 23.12
C ASP A 193 -15.78 15.78 23.57
N ALA A 194 -14.46 15.69 23.45
CA ALA A 194 -13.75 14.42 23.70
C ALA A 194 -13.80 14.02 25.19
N SER A 195 -13.97 14.97 26.12
CA SER A 195 -14.12 14.60 27.53
C SER A 195 -15.31 13.67 27.73
N LYS A 196 -16.36 13.87 26.92
CA LYS A 196 -17.58 13.07 27.00
C LYS A 196 -17.37 11.72 26.31
N VAL A 197 -16.55 11.69 25.27
CA VAL A 197 -16.26 10.44 24.61
C VAL A 197 -15.45 9.58 25.59
N ALA A 198 -14.54 10.22 26.29
CA ALA A 198 -13.72 9.55 27.29
C ALA A 198 -14.63 9.00 28.40
N ALA A 199 -15.64 9.77 28.79
CA ALA A 199 -16.56 9.36 29.91
C ALA A 199 -17.46 8.19 29.49
N PHE A 200 -17.95 8.24 28.25
CA PHE A 200 -18.71 7.18 27.61
C PHE A 200 -17.87 5.89 27.47
N LEU A 201 -16.59 6.05 27.12
CA LEU A 201 -15.72 4.88 27.05
C LEU A 201 -15.44 4.37 28.46
N ARG A 202 -15.19 5.29 29.39
CA ARG A 202 -14.93 4.88 30.76
C ARG A 202 -16.09 3.96 31.19
N ASN A 203 -17.32 4.43 31.00
CA ASN A 203 -18.51 3.71 31.42
C ASN A 203 -18.56 2.32 30.77
N PHE A 204 -18.28 2.27 29.47
CA PHE A 204 -18.32 1.03 28.69
C PHE A 204 -17.28 0.02 29.23
N ALA A 205 -16.03 0.44 29.40
CA ALA A 205 -15.01 -0.44 29.95
C ALA A 205 -15.40 -0.96 31.34
N VAL A 206 -15.95 -0.09 32.19
CA VAL A 206 -16.17 -0.37 33.62
C VAL A 206 -17.41 -1.26 33.79
N THR A 207 -18.44 -1.08 32.96
CA THR A 207 -19.71 -1.81 33.15
C THR A 207 -19.76 -3.05 32.25
N LYS A 208 -19.07 -3.02 31.10
CA LYS A 208 -19.21 -4.10 30.16
C LYS A 208 -17.90 -4.90 30.02
N GLN A 209 -16.75 -4.44 30.52
CA GLN A 209 -15.55 -5.28 30.45
C GLN A 209 -14.85 -5.38 31.82
N ALA A 210 -15.56 -5.00 32.90
CA ALA A 210 -15.02 -5.13 34.26
C ALA A 210 -13.57 -4.62 34.34
N VAL A 211 -13.28 -3.44 33.79
CA VAL A 211 -11.97 -2.82 33.97
C VAL A 211 -11.83 -2.48 35.46
N GLU A 212 -10.61 -2.57 36.01
CA GLU A 212 -10.35 -2.11 37.38
C GLU A 212 -9.99 -0.63 37.33
N HIS A 213 -10.82 0.20 37.95
CA HIS A 213 -10.62 1.63 38.03
C HIS A 213 -10.02 1.95 39.40
N VAL A 214 -8.81 2.51 39.43
CA VAL A 214 -8.22 2.99 40.69
C VAL A 214 -8.04 4.51 40.55
N GLU A 215 -8.83 5.25 41.31
CA GLU A 215 -8.79 6.73 41.30
C GLU A 215 -7.77 7.21 42.34
N ASP A 216 -6.57 7.55 41.90
CA ASP A 216 -5.42 7.77 42.76
C ASP A 216 -4.33 8.46 41.92
N GLU A 217 -3.32 8.98 42.57
CA GLU A 217 -2.20 9.62 41.90
C GLU A 217 -1.00 8.67 41.98
N MET A 218 -0.41 8.34 40.83
CA MET A 218 0.82 7.54 40.81
C MET A 218 1.91 8.38 41.49
N THR A 219 2.69 7.86 42.45
CA THR A 219 3.79 8.67 43.11
C THR A 219 5.17 8.06 42.84
N GLU A 220 5.23 6.80 42.44
CA GLU A 220 6.50 6.17 42.18
C GLU A 220 6.31 5.10 41.12
N VAL A 221 7.30 4.98 40.24
CA VAL A 221 7.39 3.87 39.31
C VAL A 221 8.48 2.92 39.80
N LEU A 222 8.10 1.69 40.12
CA LEU A 222 9.10 0.68 40.53
C LEU A 222 9.62 -0.01 39.26
N THR A 223 10.92 -0.28 39.26
CA THR A 223 11.62 -0.97 38.17
C THR A 223 12.50 -2.08 38.76
N ASP A 224 12.85 -3.08 37.94
CA ASP A 224 13.65 -4.27 38.36
C ASP A 224 15.09 -4.03 37.89
N GLU A 225 15.98 -5.01 37.99
CA GLU A 225 17.41 -4.73 37.66
C GLU A 225 17.57 -4.51 36.14
N ARG A 226 16.70 -5.06 35.30
CA ARG A 226 16.88 -4.94 33.82
C ARG A 226 16.12 -3.70 33.29
N GLY A 227 15.63 -2.82 34.16
CA GLY A 227 14.99 -1.61 33.68
C GLY A 227 13.48 -1.77 33.39
N PHE A 228 12.91 -2.96 33.59
CA PHE A 228 11.47 -3.19 33.33
C PHE A 228 10.64 -2.63 34.50
N ILE A 229 9.47 -2.07 34.20
CA ILE A 229 8.58 -1.61 35.24
C ILE A 229 7.96 -2.83 35.93
N THR A 230 7.89 -2.84 37.26
CA THR A 230 7.27 -3.96 37.98
C THR A 230 5.97 -3.52 38.65
N ALA A 231 5.83 -2.24 38.98
CA ALA A 231 4.56 -1.79 39.56
C ALA A 231 4.54 -0.26 39.68
N LEU A 232 3.36 0.32 39.86
CA LEU A 232 3.19 1.74 40.13
C LEU A 232 2.72 1.95 41.58
N ARG A 233 3.47 2.71 42.39
CA ARG A 233 3.00 3.15 43.70
C ARG A 233 1.98 4.29 43.53
N THR A 234 0.92 4.24 44.31
CA THR A 234 -0.05 5.36 44.40
C THR A 234 0.11 6.07 45.75
N LYS A 235 -0.44 7.28 45.79
CA LYS A 235 -0.49 8.12 46.98
C LYS A 235 -1.13 7.35 48.14
N SER A 236 -2.23 6.64 47.87
CA SER A 236 -2.99 5.98 48.91
C SER A 236 -2.28 4.72 49.42
N GLY A 237 -1.16 4.33 48.81
CA GLY A 237 -0.35 3.20 49.32
C GLY A 237 -0.58 1.88 48.57
N ARG A 238 -1.27 1.91 47.41
CA ARG A 238 -1.31 0.76 46.48
C ARG A 238 0.06 0.59 45.82
N ILE A 239 0.41 -0.65 45.59
CA ILE A 239 1.50 -0.97 44.73
C ILE A 239 0.88 -1.83 43.63
N LEU A 240 0.59 -1.22 42.46
CA LEU A 240 -0.15 -1.90 41.38
C LEU A 240 0.83 -2.63 40.48
N GLN A 241 0.85 -3.95 40.63
CA GLN A 241 1.67 -4.87 39.86
C GLN A 241 1.07 -5.02 38.47
N GLY A 242 1.95 -5.19 37.52
CA GLY A 242 1.58 -5.38 36.13
C GLY A 242 2.76 -5.94 35.35
N ASP A 243 2.44 -6.53 34.21
CA ASP A 243 3.42 -7.13 33.32
C ASP A 243 3.65 -6.19 32.13
N LEU A 244 2.59 -5.58 31.62
CA LEU A 244 2.74 -4.55 30.58
C LEU A 244 2.17 -3.24 31.09
N PHE A 245 2.87 -2.12 30.85
CA PHE A 245 2.33 -0.79 31.23
C PHE A 245 2.11 0.07 29.98
N VAL A 246 0.92 0.65 29.85
CA VAL A 246 0.65 1.61 28.80
C VAL A 246 0.72 3.03 29.40
N ASP A 247 1.61 3.89 28.92
CA ASP A 247 1.69 5.26 29.42
C ASP A 247 0.68 6.12 28.66
N CYS A 248 -0.39 6.51 29.36
CA CYS A 248 -1.35 7.45 28.84
C CYS A 248 -1.44 8.68 29.75
N SER A 249 -0.28 9.07 30.29
CA SER A 249 -0.19 10.13 31.33
C SER A 249 -0.19 11.52 30.69
N GLY A 250 -0.30 11.62 29.38
CA GLY A 250 -0.25 12.94 28.75
C GLY A 250 1.16 13.44 28.52
N PHE A 251 1.30 14.74 28.33
CA PHE A 251 2.56 15.35 27.86
C PHE A 251 3.73 15.05 28.82
N ARG A 252 3.43 14.81 30.09
CA ARG A 252 4.41 14.48 31.11
C ARG A 252 5.14 13.14 30.83
N GLY A 253 4.54 12.22 30.11
CA GLY A 253 5.18 10.94 29.85
C GLY A 253 5.89 10.37 31.08
N LEU A 254 5.12 10.16 32.15
CA LEU A 254 5.65 9.75 33.46
C LEU A 254 6.36 8.39 33.35
N LEU A 255 5.86 7.50 32.49
CA LEU A 255 6.49 6.19 32.34
C LEU A 255 7.58 6.24 31.26
N ILE A 256 7.27 6.72 30.05
CA ILE A 256 8.19 6.53 28.91
C ILE A 256 9.34 7.55 28.99
N ASN A 257 9.08 8.79 29.37
CA ASN A 257 10.16 9.82 29.39
C ASN A 257 10.83 9.87 30.77
N LYS A 258 10.10 9.88 31.88
CA LYS A 258 10.71 9.99 33.18
C LYS A 258 11.23 8.61 33.64
N ALA A 259 10.34 7.68 33.94
CA ALA A 259 10.73 6.39 34.50
C ALA A 259 11.66 5.62 33.56
N MET A 260 11.32 5.48 32.27
CA MET A 260 12.15 4.72 31.35
C MET A 260 13.29 5.57 30.78
N GLU A 261 13.22 6.90 30.96
CA GLU A 261 14.27 7.86 30.48
C GLU A 261 14.35 7.92 28.95
N GLU A 262 13.28 7.59 28.21
CA GLU A 262 13.31 7.72 26.74
C GLU A 262 13.21 9.21 26.36
N PRO A 263 14.23 9.73 25.63
CA PRO A 263 14.21 11.11 25.08
C PRO A 263 13.01 11.37 24.15
N PHE A 264 12.45 12.55 24.24
CA PHE A 264 11.56 13.09 23.24
C PHE A 264 12.42 13.84 22.22
N ILE A 265 12.20 13.60 20.93
CA ILE A 265 12.85 14.36 19.89
C ILE A 265 11.97 15.58 19.56
N ASP A 266 12.38 16.73 20.04
CA ASP A 266 11.70 17.98 19.74
C ASP A 266 11.78 18.25 18.23
N MET A 267 10.67 18.65 17.62
CA MET A 267 10.66 18.85 16.18
C MET A 267 10.07 20.22 15.82
N SER A 268 10.28 21.20 16.70
CA SER A 268 9.91 22.62 16.48
C SER A 268 10.71 23.27 15.33
N ASP A 269 11.70 22.60 14.77
CA ASP A 269 12.34 23.08 13.55
C ASP A 269 11.63 22.59 12.29
N HIS A 270 10.56 21.79 12.42
CA HIS A 270 9.68 21.38 11.31
C HIS A 270 8.31 22.08 11.36
N LEU A 271 7.79 22.35 12.56
CA LEU A 271 6.51 23.06 12.76
C LEU A 271 6.64 24.04 13.94
N LEU A 272 6.20 25.27 13.81
CA LEU A 272 6.58 26.32 14.81
C LEU A 272 5.58 26.33 15.97
N CYS A 273 4.29 26.15 15.69
CA CYS A 273 3.26 26.36 16.69
C CYS A 273 3.47 25.38 17.85
N ASN A 274 3.29 25.88 19.08
CA ASN A 274 3.56 25.11 20.28
C ASN A 274 2.59 25.47 21.41
N SER A 275 1.58 26.27 21.15
CA SER A 275 0.75 26.74 22.23
C SER A 275 -0.69 26.78 21.75
N ALA A 276 -1.62 26.86 22.68
CA ALA A 276 -3.02 27.11 22.31
C ALA A 276 -3.77 27.81 23.45
N VAL A 277 -4.66 28.72 23.06
CA VAL A 277 -5.64 29.35 23.95
C VAL A 277 -7.04 29.08 23.38
N ALA A 278 -7.92 28.51 24.17
CA ALA A 278 -9.14 27.94 23.63
C ALA A 278 -10.31 28.18 24.58
N THR A 279 -11.51 28.27 24.00
CA THR A 279 -12.78 28.42 24.72
C THR A 279 -13.92 27.81 23.91
N ALA A 280 -15.07 27.73 24.55
CA ALA A 280 -16.30 27.28 23.91
C ALA A 280 -17.26 28.47 23.83
N VAL A 281 -17.75 28.68 22.63
CA VAL A 281 -18.53 29.84 22.33
C VAL A 281 -19.97 29.41 22.09
N PRO A 282 -20.91 29.93 22.87
CA PRO A 282 -22.35 29.69 22.59
C PRO A 282 -22.70 30.15 21.16
N HIS A 283 -23.58 29.43 20.47
CA HIS A 283 -23.87 29.75 19.09
C HIS A 283 -25.37 29.67 18.81
N ASP A 284 -25.86 30.64 18.04
CA ASP A 284 -27.28 30.70 17.66
C ASP A 284 -27.52 29.82 16.41
N ASP A 285 -27.94 28.59 16.64
CA ASP A 285 -27.99 27.59 15.59
C ASP A 285 -29.23 27.79 14.69
N GLU A 286 -30.28 28.41 15.24
CA GLU A 286 -31.51 28.63 14.47
C GLU A 286 -31.29 29.80 13.51
N LYS A 287 -30.33 30.65 13.82
CA LYS A 287 -30.07 31.82 13.01
C LYS A 287 -29.03 31.50 11.94
N ASN A 288 -27.87 31.04 12.40
CA ASN A 288 -26.74 30.91 11.51
C ASN A 288 -26.71 29.52 10.87
N GLY A 289 -27.47 28.54 11.38
CA GLY A 289 -27.28 27.14 10.96
C GLY A 289 -26.03 26.53 11.60
N VAL A 290 -25.61 25.35 11.15
CA VAL A 290 -24.43 24.68 11.67
C VAL A 290 -23.54 24.30 10.48
N GLU A 291 -22.28 24.71 10.54
CA GLU A 291 -21.40 24.40 9.44
C GLU A 291 -20.99 22.93 9.57
N PRO A 292 -21.17 22.13 8.54
CA PRO A 292 -20.65 20.77 8.60
C PRO A 292 -19.15 20.74 8.26
N TYR A 293 -18.31 21.52 8.96
CA TYR A 293 -16.91 21.48 8.70
C TYR A 293 -16.11 22.23 9.79
N THR A 294 -14.87 21.85 9.92
CA THR A 294 -13.92 22.55 10.79
C THR A 294 -13.33 23.69 9.96
N SER A 295 -13.30 24.90 10.51
CA SER A 295 -12.67 26.04 9.92
C SER A 295 -11.27 26.26 10.49
N SER A 296 -10.29 26.58 9.66
CA SER A 296 -8.95 27.00 10.11
C SER A 296 -8.77 28.46 9.71
N ILE A 297 -8.77 29.35 10.67
CA ILE A 297 -8.80 30.78 10.43
C ILE A 297 -7.38 31.29 10.74
N ALA A 298 -6.66 31.70 9.69
CA ALA A 298 -5.29 32.17 9.79
C ALA A 298 -5.23 33.42 10.66
N MET A 299 -4.21 33.45 11.53
CA MET A 299 -3.96 34.56 12.41
C MET A 299 -2.58 35.14 12.08
N GLU A 300 -2.12 36.14 12.82
CA GLU A 300 -0.83 36.74 12.55
C GLU A 300 0.28 35.83 13.07
N ALA A 301 0.08 35.17 14.19
CA ALA A 301 1.11 34.30 14.78
C ALA A 301 0.63 32.84 14.85
N GLY A 302 -0.22 32.40 13.92
CA GLY A 302 -0.84 31.09 14.05
C GLY A 302 -2.16 30.99 13.30
N TRP A 303 -3.08 30.21 13.86
CA TRP A 303 -4.39 29.97 13.27
C TRP A 303 -5.37 29.58 14.39
N THR A 304 -6.67 29.71 14.12
CA THR A 304 -7.72 29.44 15.11
C THR A 304 -8.69 28.40 14.55
N TRP A 305 -8.97 27.32 15.30
CA TRP A 305 -9.96 26.35 14.85
C TRP A 305 -11.40 26.81 15.21
N LYS A 306 -12.36 26.40 14.38
CA LYS A 306 -13.79 26.51 14.71
C LYS A 306 -14.43 25.13 14.55
N ILE A 307 -14.96 24.58 15.63
CA ILE A 307 -15.43 23.19 15.64
C ILE A 307 -16.88 23.20 16.13
N PRO A 308 -17.80 23.33 15.18
CA PRO A 308 -19.19 23.50 15.52
C PRO A 308 -19.77 22.20 16.08
N MET A 309 -20.60 22.37 17.10
CA MET A 309 -21.49 21.32 17.58
C MET A 309 -22.88 21.94 17.74
N LEU A 310 -23.90 21.16 18.11
CA LEU A 310 -25.21 21.76 18.39
C LEU A 310 -25.06 22.65 19.64
N GLY A 311 -25.33 23.94 19.47
CA GLY A 311 -25.51 24.86 20.60
C GLY A 311 -24.30 25.72 20.88
N ARG A 312 -23.11 25.31 20.41
CA ARG A 312 -21.87 26.05 20.67
C ARG A 312 -20.79 25.57 19.70
N PHE A 313 -19.74 26.36 19.47
CA PHE A 313 -18.55 25.86 18.78
C PHE A 313 -17.32 25.93 19.69
N GLY A 314 -16.52 24.89 19.65
CA GLY A 314 -15.22 24.93 20.24
C GLY A 314 -14.30 25.74 19.35
N SER A 315 -13.35 26.42 19.97
CA SER A 315 -12.47 27.28 19.24
C SER A 315 -11.15 27.36 20.01
N GLY A 316 -10.06 27.60 19.30
CA GLY A 316 -8.77 27.74 19.92
C GLY A 316 -7.71 28.26 18.95
N HIS A 317 -6.97 29.26 19.40
CA HIS A 317 -5.90 29.87 18.63
C HIS A 317 -4.60 29.10 18.89
N VAL A 318 -4.16 28.40 17.87
CA VAL A 318 -2.88 27.74 17.88
C VAL A 318 -1.82 28.75 17.41
N TYR A 319 -0.70 28.83 18.12
CA TYR A 319 0.29 29.85 17.88
C TYR A 319 1.69 29.38 18.29
N SER A 320 2.70 30.13 17.87
CA SER A 320 4.05 29.98 18.32
C SER A 320 4.35 30.99 19.42
N ASP A 321 4.84 30.52 20.55
CA ASP A 321 5.04 31.43 21.64
C ASP A 321 6.43 32.09 21.52
N HIS A 322 7.19 31.80 20.47
CA HIS A 322 8.35 32.62 20.13
C HIS A 322 7.87 33.92 19.49
N PHE A 323 6.77 33.84 18.73
CA PHE A 323 6.30 34.98 17.97
C PHE A 323 5.17 35.73 18.66
N ALA A 324 4.52 35.15 19.67
CA ALA A 324 3.46 35.80 20.40
C ALA A 324 3.53 35.42 21.89
N THR A 325 3.25 36.39 22.76
CA THR A 325 3.10 36.08 24.21
C THR A 325 1.71 35.47 24.43
N GLN A 326 1.54 34.74 25.53
CA GLN A 326 0.23 34.23 25.90
C GLN A 326 -0.79 35.38 25.87
N ASP A 327 -0.51 36.49 26.55
CA ASP A 327 -1.51 37.60 26.65
C ASP A 327 -1.85 38.11 25.24
N GLU A 328 -0.85 38.16 24.36
CA GLU A 328 -1.05 38.65 23.00
C GLU A 328 -2.01 37.73 22.24
N ALA A 329 -1.73 36.44 22.31
CA ALA A 329 -2.50 35.42 21.61
C ALA A 329 -3.95 35.41 22.11
N THR A 330 -4.07 35.44 23.44
CA THR A 330 -5.35 35.38 24.13
C THR A 330 -6.22 36.59 23.75
N LEU A 331 -5.61 37.79 23.67
CA LEU A 331 -6.28 39.02 23.22
C LEU A 331 -6.67 38.92 21.75
N ALA A 332 -5.76 38.43 20.90
CA ALA A 332 -6.11 38.28 19.46
C ALA A 332 -7.24 37.25 19.29
N PHE A 333 -7.18 36.16 20.03
CA PHE A 333 -8.25 35.14 20.01
C PHE A 333 -9.59 35.80 20.34
N SER A 334 -9.61 36.62 21.39
CA SER A 334 -10.86 37.24 21.89
C SER A 334 -11.42 38.25 20.87
N LYS A 335 -10.53 39.02 20.31
CA LYS A 335 -10.92 40.01 19.34
C LYS A 335 -11.48 39.31 18.10
N LEU A 336 -10.93 38.16 17.74
CA LEU A 336 -11.47 37.45 16.59
C LEU A 336 -12.98 37.23 16.75
N TRP A 337 -13.43 36.87 17.94
CA TRP A 337 -14.80 36.42 18.11
C TRP A 337 -15.63 37.51 18.79
N GLY A 338 -15.04 38.67 19.06
CA GLY A 338 -15.73 39.71 19.84
C GLY A 338 -15.99 39.28 21.27
N LEU A 339 -15.07 38.51 21.85
CA LEU A 339 -15.22 38.02 23.22
C LEU A 339 -14.64 39.04 24.20
N ASP A 340 -15.14 39.03 25.44
CA ASP A 340 -14.55 39.88 26.50
C ASP A 340 -13.46 39.05 27.22
N PRO A 341 -12.20 39.48 27.11
CA PRO A 341 -11.09 38.66 27.65
C PRO A 341 -11.27 38.24 29.11
N ASP A 342 -11.75 39.18 29.92
CA ASP A 342 -11.84 39.01 31.36
C ASP A 342 -13.10 38.23 31.75
N ASN A 343 -14.11 38.21 30.88
CA ASN A 343 -15.39 37.52 31.12
C ASN A 343 -15.50 36.24 30.27
N THR A 344 -14.37 35.60 29.96
CA THR A 344 -14.34 34.40 29.13
C THR A 344 -13.43 33.35 29.80
N GLU A 345 -13.89 32.10 29.77
CA GLU A 345 -13.16 31.00 30.40
C GLU A 345 -12.30 30.30 29.34
N PHE A 346 -11.00 30.45 29.53
CA PHE A 346 -9.98 30.01 28.60
C PHE A 346 -9.27 28.79 29.16
N ASN A 347 -8.97 27.84 28.29
CA ASN A 347 -7.93 26.87 28.57
C ASN A 347 -6.67 27.31 27.80
N HIS A 348 -5.54 27.05 28.41
CA HIS A 348 -4.24 27.47 27.93
C HIS A 348 -3.27 26.28 28.03
N VAL A 349 -2.60 25.95 26.94
CA VAL A 349 -1.65 24.85 26.95
C VAL A 349 -0.40 25.24 26.16
N ARG A 350 0.75 24.77 26.65
CA ARG A 350 2.02 24.75 25.88
C ARG A 350 2.31 23.27 25.59
N PHE A 351 2.34 22.90 24.30
CA PHE A 351 2.50 21.50 23.87
C PHE A 351 3.84 21.27 23.18
N ARG A 352 4.39 20.07 23.35
CA ARG A 352 5.61 19.68 22.64
C ARG A 352 5.22 19.16 21.25
N VAL A 353 6.20 19.17 20.35
CA VAL A 353 5.98 18.78 18.98
C VAL A 353 7.12 17.84 18.57
N GLY A 354 6.73 16.64 18.18
CA GLY A 354 7.68 15.59 17.94
C GLY A 354 7.12 14.23 18.34
N ARG A 355 8.05 13.33 18.67
CA ARG A 355 7.79 11.95 19.03
C ARG A 355 8.91 11.47 19.97
N ASN A 356 8.58 10.46 20.76
CA ASN A 356 9.61 9.82 21.52
C ASN A 356 10.51 9.06 20.56
N ARG A 357 11.79 8.94 20.91
CA ARG A 357 12.77 8.23 20.05
C ARG A 357 12.23 6.81 19.78
N ARG A 358 11.80 6.11 20.83
CA ARG A 358 11.01 4.87 20.70
C ARG A 358 9.72 5.03 21.49
N ALA A 359 8.59 4.69 20.86
CA ALA A 359 7.28 4.87 21.50
C ALA A 359 7.07 3.78 22.56
N TRP A 360 7.68 2.62 22.33
CA TRP A 360 7.61 1.47 23.23
C TRP A 360 9.04 1.05 23.59
N VAL A 361 9.32 1.08 24.88
CA VAL A 361 10.61 0.70 25.42
C VAL A 361 10.38 -0.35 26.52
N ARG A 362 11.06 -1.49 26.40
CA ARG A 362 10.97 -2.56 27.39
C ARG A 362 9.50 -2.95 27.57
N ASN A 363 8.91 -2.81 28.76
CA ASN A 363 7.47 -3.17 28.96
C ASN A 363 6.59 -1.94 29.16
N CYS A 364 6.99 -0.82 28.60
CA CYS A 364 6.24 0.43 28.67
C CYS A 364 5.84 0.88 27.25
N VAL A 365 4.56 0.93 26.95
CA VAL A 365 4.10 1.42 25.65
C VAL A 365 3.44 2.80 25.82
N SER A 366 3.86 3.78 25.04
CA SER A 366 3.33 5.13 25.15
C SER A 366 2.25 5.34 24.08
N VAL A 367 1.14 5.94 24.49
CA VAL A 367 -0.01 6.18 23.61
C VAL A 367 -0.55 7.56 23.94
N GLY A 368 -0.93 8.34 22.94
CA GLY A 368 -1.57 9.63 23.20
C GLY A 368 -0.54 10.72 23.29
N LEU A 369 -0.71 11.65 24.23
CA LEU A 369 0.16 12.83 24.26
C LEU A 369 1.52 12.47 24.86
N ALA A 370 1.53 11.39 25.65
CA ALA A 370 2.74 10.80 26.14
C ALA A 370 3.61 10.29 24.99
N SER A 371 3.00 9.94 23.86
CA SER A 371 3.79 9.48 22.70
C SER A 371 4.08 10.69 21.82
N CYS A 372 3.55 10.78 20.62
CA CYS A 372 3.97 11.80 19.70
C CYS A 372 2.89 12.87 19.58
N PHE A 373 3.25 14.02 19.02
CA PHE A 373 2.29 15.09 18.86
C PHE A 373 2.77 16.12 17.83
N VAL A 374 1.73 16.71 17.23
CA VAL A 374 1.79 17.77 16.23
C VAL A 374 0.57 18.65 16.47
N GLU A 375 0.63 19.91 16.05
CA GLU A 375 -0.53 20.78 16.23
C GLU A 375 -1.75 20.15 15.56
N PRO A 376 -2.96 20.46 16.03
CA PRO A 376 -4.19 19.77 15.55
C PRO A 376 -4.79 20.34 14.26
N LEU A 377 -3.95 20.82 13.32
CA LEU A 377 -4.42 21.47 12.08
C LEU A 377 -5.24 20.48 11.25
N GLU A 378 -4.86 19.21 11.22
CA GLU A 378 -5.57 18.24 10.38
C GLU A 378 -6.08 17.06 11.21
N SER A 379 -6.28 17.21 12.51
CA SER A 379 -7.04 16.23 13.34
C SER A 379 -6.29 14.90 13.52
N SER A 380 -5.04 14.98 13.98
CA SER A 380 -4.12 13.85 14.07
C SER A 380 -4.16 13.18 15.46
N GLY A 381 -4.68 13.88 16.47
CA GLY A 381 -4.52 13.49 17.87
C GLY A 381 -5.23 12.19 18.20
N ILE A 382 -6.55 12.14 17.99
CA ILE A 382 -7.28 10.94 18.36
C ILE A 382 -6.92 9.78 17.41
N TYR A 383 -6.70 10.09 16.15
CA TYR A 383 -6.13 9.18 15.11
C TYR A 383 -4.85 8.50 15.62
N PHE A 384 -3.94 9.30 16.12
CA PHE A 384 -2.68 8.72 16.65
C PHE A 384 -2.97 7.72 17.78
N ILE A 385 -4.07 7.90 18.50
CA ILE A 385 -4.36 7.04 19.64
C ILE A 385 -4.82 5.68 19.12
N TYR A 386 -5.93 5.66 18.37
CA TYR A 386 -6.47 4.40 17.93
C TYR A 386 -5.54 3.72 16.93
N ALA A 387 -4.71 4.46 16.22
CA ALA A 387 -3.71 3.82 15.35
C ALA A 387 -2.66 3.07 16.18
N ALA A 388 -2.12 3.75 17.18
CA ALA A 388 -1.11 3.13 18.04
C ALA A 388 -1.74 1.96 18.81
N ILE A 389 -3.03 2.09 19.20
CA ILE A 389 -3.70 1.04 19.91
C ILE A 389 -3.72 -0.18 19.00
N HIS A 390 -4.22 0.06 17.80
CA HIS A 390 -4.37 -1.01 16.85
C HIS A 390 -3.00 -1.67 16.64
N MET A 391 -1.95 -0.87 16.47
CA MET A 391 -0.61 -1.38 16.27
C MET A 391 -0.17 -2.20 17.50
N LEU A 392 -0.53 -1.77 18.72
CA LEU A 392 -0.18 -2.51 19.95
C LEU A 392 -0.82 -3.90 19.89
N ALA A 393 -2.11 -3.97 19.56
CA ALA A 393 -2.87 -5.23 19.51
C ALA A 393 -2.28 -6.20 18.47
N LYS A 394 -1.82 -5.66 17.35
CA LYS A 394 -1.22 -6.48 16.31
C LYS A 394 0.11 -7.07 16.78
N HIS A 395 0.84 -6.29 17.56
CA HIS A 395 2.15 -6.69 18.04
C HIS A 395 2.07 -7.00 19.53
N PHE A 396 0.93 -7.49 20.03
CA PHE A 396 0.76 -7.67 21.45
C PHE A 396 1.67 -8.82 21.89
N PRO A 397 2.40 -8.62 22.98
CA PRO A 397 3.46 -9.53 23.37
C PRO A 397 3.09 -10.49 24.51
N ASP A 398 4.03 -11.38 24.81
CA ASP A 398 4.06 -12.05 26.08
C ASP A 398 5.21 -11.42 26.91
N LYS A 399 5.58 -12.12 27.99
CA LYS A 399 6.50 -11.61 29.00
C LYS A 399 7.95 -11.73 28.50
N THR A 400 8.17 -12.35 27.35
CA THR A 400 9.50 -12.34 26.77
C THR A 400 9.75 -11.02 26.04
N PHE A 401 8.70 -10.26 25.75
CA PHE A 401 8.82 -8.96 25.08
C PHE A 401 9.81 -9.03 23.91
N ASP A 402 9.58 -9.97 22.99
CA ASP A 402 10.45 -10.16 21.80
C ASP A 402 10.78 -8.79 21.18
N LYS A 403 12.07 -8.54 20.92
CA LYS A 403 12.52 -7.19 20.56
C LYS A 403 12.08 -6.85 19.12
N VAL A 404 11.72 -7.88 18.35
CA VAL A 404 11.15 -7.69 17.03
C VAL A 404 9.72 -7.18 17.14
N LEU A 405 8.90 -7.66 18.06
CA LEU A 405 7.58 -7.07 18.18
C LEU A 405 7.72 -5.60 18.55
N VAL A 406 8.52 -5.31 19.54
CA VAL A 406 8.69 -3.94 20.02
C VAL A 406 9.20 -3.07 18.88
N ASP A 407 10.19 -3.55 18.12
CA ASP A 407 10.84 -2.74 17.07
C ASP A 407 9.86 -2.50 15.92
N ARG A 408 9.01 -3.46 15.58
CA ARG A 408 8.09 -3.28 14.44
C ARG A 408 7.00 -2.29 14.83
N PHE A 409 6.57 -2.32 16.10
CA PHE A 409 5.57 -1.38 16.55
C PHE A 409 6.15 0.05 16.47
N ASN A 410 7.40 0.23 16.90
CA ASN A 410 8.06 1.52 16.88
C ASN A 410 8.24 1.99 15.42
N ARG A 411 8.67 1.09 14.55
CA ARG A 411 8.77 1.41 13.10
C ARG A 411 7.44 2.03 12.64
N GLU A 412 6.30 1.38 12.93
CA GLU A 412 4.99 1.83 12.42
C GLU A 412 4.59 3.22 12.98
N ILE A 413 4.81 3.44 14.26
CA ILE A 413 4.58 4.71 14.90
C ILE A 413 5.35 5.81 14.15
N GLU A 414 6.64 5.63 13.95
CA GLU A 414 7.41 6.74 13.38
C GLU A 414 7.03 6.95 11.90
N GLU A 415 6.61 5.91 11.19
CA GLU A 415 6.16 6.08 9.81
C GLU A 415 4.82 6.82 9.79
N MET A 416 3.93 6.49 10.73
CA MET A 416 2.68 7.16 10.87
C MET A 416 2.92 8.64 11.19
N PHE A 417 3.75 8.92 12.17
CA PHE A 417 4.03 10.27 12.59
C PHE A 417 4.70 11.09 11.47
N ASP A 418 5.66 10.52 10.75
CA ASP A 418 6.35 11.25 9.63
C ASP A 418 5.37 11.53 8.47
N ASP A 419 4.47 10.62 8.15
CA ASP A 419 3.49 10.89 7.05
C ASP A 419 2.80 12.21 7.40
N THR A 420 2.30 12.31 8.64
CA THR A 420 1.48 13.42 9.10
C THR A 420 2.36 14.67 9.25
N ARG A 421 3.56 14.52 9.80
CA ARG A 421 4.47 15.68 9.92
C ARG A 421 4.76 16.25 8.52
N ASP A 422 4.96 15.39 7.54
CA ASP A 422 5.18 15.85 6.17
C ASP A 422 3.98 16.70 5.68
N PHE A 423 2.78 16.11 5.75
CA PHE A 423 1.55 16.75 5.32
C PHE A 423 1.39 18.13 5.98
N LEU A 424 1.71 18.23 7.25
CA LEU A 424 1.49 19.48 7.96
C LEU A 424 2.54 20.51 7.54
N GLN A 425 3.76 20.07 7.25
CA GLN A 425 4.78 20.95 6.69
C GLN A 425 4.27 21.58 5.38
N ALA A 426 3.62 20.82 4.52
CA ALA A 426 3.15 21.35 3.24
C ALA A 426 2.22 22.56 3.43
N HIS A 427 1.47 22.58 4.52
CA HIS A 427 0.51 23.62 4.81
C HIS A 427 1.18 24.99 5.02
N TYR A 428 2.43 25.02 5.51
CA TYR A 428 3.06 26.27 6.02
C TYR A 428 4.16 26.79 5.07
N TYR A 429 4.89 25.86 4.50
CA TYR A 429 6.05 26.14 3.65
C TYR A 429 5.60 26.74 2.31
N PHE A 430 4.34 26.53 1.94
CA PHE A 430 3.84 26.99 0.63
C PHE A 430 2.75 28.04 0.84
N SER A 431 2.65 28.59 2.03
CA SER A 431 1.83 29.79 2.26
C SER A 431 2.57 31.03 1.73
N PRO A 432 1.96 31.79 0.81
CA PRO A 432 2.52 33.02 0.26
C PRO A 432 2.39 34.28 1.15
N ARG A 433 1.88 34.17 2.37
CA ARG A 433 1.94 35.30 3.30
C ARG A 433 3.38 35.54 3.80
N VAL A 434 3.74 36.82 3.84
CA VAL A 434 5.04 37.28 4.28
C VAL A 434 4.82 38.47 5.23
N ASP A 435 3.60 38.63 5.77
CA ASP A 435 3.19 39.86 6.50
C ASP A 435 3.64 39.88 7.97
N THR A 436 3.99 38.74 8.57
CA THR A 436 4.48 38.77 9.94
C THR A 436 5.66 37.81 10.11
N PRO A 437 6.40 37.97 11.21
CA PRO A 437 7.60 37.16 11.34
C PRO A 437 7.24 35.66 11.35
N PHE A 438 6.09 35.34 11.92
CA PHE A 438 5.70 33.96 12.02
C PHE A 438 5.58 33.37 10.61
N TRP A 439 4.75 34.01 9.79
CA TRP A 439 4.54 33.50 8.47
C TRP A 439 5.84 33.45 7.69
N ARG A 440 6.70 34.46 7.82
CA ARG A 440 7.99 34.44 7.09
C ARG A 440 8.87 33.28 7.59
N ALA A 441 8.91 33.07 8.91
CA ALA A 441 9.79 32.08 9.54
C ALA A 441 9.39 30.66 9.13
N ASN A 442 8.12 30.44 8.80
CA ASN A 442 7.66 29.18 8.23
C ASN A 442 8.43 28.85 6.95
N LYS A 443 8.83 29.85 6.15
CA LYS A 443 9.49 29.53 4.90
C LYS A 443 10.99 29.30 5.13
N GLU A 444 11.52 29.54 6.32
CA GLU A 444 12.97 29.26 6.57
C GLU A 444 13.12 27.96 7.38
N LEU A 445 12.14 27.07 7.30
CA LEU A 445 12.23 25.77 7.98
C LEU A 445 12.83 24.72 7.04
N LYS A 446 13.48 23.70 7.58
CA LYS A 446 13.98 22.63 6.70
C LYS A 446 12.89 21.57 6.58
N LEU A 447 12.51 21.37 5.33
CA LEU A 447 11.61 20.32 5.01
C LEU A 447 12.34 19.00 5.20
N ALA A 448 11.65 18.01 5.74
CA ALA A 448 12.15 16.62 5.72
C ALA A 448 12.33 16.17 4.26
N ASP A 449 13.23 15.22 4.09
CA ASP A 449 13.54 14.61 2.77
C ASP A 449 12.27 14.08 2.10
N SER A 450 11.41 13.36 2.84
CA SER A 450 10.23 12.73 2.21
C SER A 450 9.22 13.78 1.75
N ILE A 451 8.96 14.85 2.49
CA ILE A 451 7.99 15.87 1.98
C ILE A 451 8.60 16.57 0.76
N LYS A 452 9.92 16.81 0.78
CA LYS A 452 10.63 17.40 -0.38
C LYS A 452 10.50 16.49 -1.61
N ASP A 453 10.63 15.19 -1.40
CA ASP A 453 10.43 14.24 -2.46
C ASP A 453 8.99 14.36 -2.99
N LYS A 454 7.97 14.45 -2.14
CA LYS A 454 6.59 14.56 -2.62
C LYS A 454 6.42 15.81 -3.48
N VAL A 455 6.93 16.93 -3.01
CA VAL A 455 6.79 18.22 -3.72
C VAL A 455 7.37 18.09 -5.13
N GLU A 456 8.53 17.47 -5.23
CA GLU A 456 9.17 17.29 -6.52
C GLU A 456 8.24 16.47 -7.44
N THR A 457 7.66 15.42 -6.89
CA THR A 457 6.83 14.53 -7.65
C THR A 457 5.60 15.33 -8.14
N TYR A 458 4.95 16.01 -7.22
CA TYR A 458 3.82 16.89 -7.52
C TYR A 458 4.21 17.92 -8.57
N ARG A 459 5.31 18.60 -8.34
CA ARG A 459 5.76 19.69 -9.24
C ARG A 459 6.03 19.17 -10.66
N ALA A 460 6.31 17.88 -10.81
CA ALA A 460 6.55 17.32 -12.12
C ALA A 460 5.22 16.89 -12.78
N GLY A 461 4.12 17.07 -12.06
CA GLY A 461 2.77 16.84 -12.61
C GLY A 461 2.24 15.46 -12.26
N LEU A 462 3.04 14.67 -11.54
CA LEU A 462 2.69 13.28 -11.21
C LEU A 462 1.77 13.24 -9.98
N PRO A 463 1.07 12.11 -9.76
CA PRO A 463 0.30 11.88 -8.56
C PRO A 463 1.23 11.76 -7.34
N VAL A 464 0.68 12.09 -6.19
CA VAL A 464 1.36 11.95 -4.93
C VAL A 464 0.57 10.94 -4.07
N ASN A 465 1.14 9.78 -3.78
CA ASN A 465 0.52 8.79 -2.91
C ASN A 465 -0.91 8.51 -3.38
N LEU A 466 -1.01 7.82 -4.51
CA LEU A 466 -2.31 7.49 -5.06
C LEU A 466 -3.10 6.60 -4.08
N PRO A 467 -4.42 6.83 -3.99
CA PRO A 467 -5.24 6.03 -3.11
C PRO A 467 -5.27 4.58 -3.62
N VAL A 468 -5.63 3.65 -2.73
CA VAL A 468 -5.63 2.20 -3.04
C VAL A 468 -7.07 1.64 -3.03
N THR A 469 -8.13 2.46 -2.86
CA THR A 469 -9.52 1.91 -2.85
C THR A 469 -10.10 2.03 -4.26
N GLU A 479 -5.55 -0.64 8.57
CA GLU A 479 -4.45 -1.54 8.18
C GLU A 479 -3.72 -0.97 6.95
N ALA A 480 -2.46 -0.51 7.10
CA ALA A 480 -1.55 0.05 6.02
C ALA A 480 -1.93 1.49 5.62
N GLU A 481 -3.17 1.88 5.93
CA GLU A 481 -3.61 3.26 5.81
C GLU A 481 -2.67 4.16 6.62
N PHE A 482 -2.12 3.62 7.72
CA PHE A 482 -1.34 4.41 8.69
C PHE A 482 0.06 4.75 8.13
N ARG A 483 0.55 3.93 7.21
CA ARG A 483 1.78 4.20 6.44
C ARG A 483 1.59 5.44 5.55
N ASN A 484 0.46 5.43 4.82
CA ASN A 484 0.21 6.35 3.71
C ASN A 484 -1.27 6.80 3.76
N PHE A 485 -1.54 7.68 4.71
CA PHE A 485 -2.90 8.11 5.08
C PHE A 485 -3.33 9.30 4.20
N TRP A 486 -2.42 10.26 4.02
CA TRP A 486 -2.67 11.43 3.21
C TRP A 486 -2.35 11.08 1.75
N THR A 487 -3.37 11.15 0.90
CA THR A 487 -3.36 10.69 -0.48
C THR A 487 -3.36 11.90 -1.43
N ASN A 488 -3.34 11.64 -2.73
CA ASN A 488 -3.14 12.62 -3.77
C ASN A 488 -4.15 13.76 -3.64
N GLY A 489 -5.42 13.44 -3.41
CA GLY A 489 -6.46 14.45 -3.29
C GLY A 489 -6.14 15.47 -2.20
N SER A 490 -5.74 14.95 -1.05
CA SER A 490 -5.41 15.77 0.09
C SER A 490 -4.21 16.66 -0.22
N TYR A 491 -3.17 16.11 -0.89
CA TYR A 491 -1.99 16.94 -1.21
C TYR A 491 -2.36 18.04 -2.22
N TYR A 492 -3.27 17.77 -3.13
CA TYR A 492 -3.76 18.78 -4.09
C TYR A 492 -4.62 19.84 -3.37
N CYS A 493 -5.51 19.45 -2.45
CA CYS A 493 -6.35 20.42 -1.70
C CYS A 493 -5.42 21.47 -1.08
N ILE A 494 -4.32 21.03 -0.50
CA ILE A 494 -3.45 21.93 0.27
C ILE A 494 -2.52 22.65 -0.70
N PHE A 495 -1.77 21.95 -1.56
CA PHE A 495 -0.85 22.57 -2.50
C PHE A 495 -1.59 23.61 -3.36
N ALA A 496 -2.63 23.17 -4.06
CA ALA A 496 -3.37 24.06 -4.98
C ALA A 496 -4.13 25.15 -4.20
N GLY A 497 -4.73 24.79 -3.08
CA GLY A 497 -5.37 25.78 -2.23
C GLY A 497 -4.45 26.94 -1.89
N LEU A 498 -3.22 26.65 -1.48
CA LEU A 498 -2.21 27.66 -1.07
C LEU A 498 -1.59 28.39 -2.27
N GLY A 499 -1.65 27.79 -3.45
CA GLY A 499 -1.13 28.41 -4.66
C GLY A 499 0.04 27.65 -5.30
N LEU A 500 0.43 26.48 -4.80
CA LEU A 500 1.54 25.75 -5.40
C LEU A 500 1.00 24.83 -6.50
N MET A 501 1.31 25.15 -7.73
CA MET A 501 0.85 24.37 -8.87
C MET A 501 2.02 23.51 -9.37
N PRO A 502 1.68 22.45 -10.10
CA PRO A 502 2.75 21.75 -10.80
C PRO A 502 3.38 22.73 -11.82
N ARG A 503 4.62 22.49 -12.21
CA ARG A 503 5.29 23.38 -13.14
C ARG A 503 4.68 23.16 -14.53
N ASN A 504 4.24 21.96 -14.84
CA ASN A 504 3.60 21.70 -16.11
C ASN A 504 2.58 20.59 -15.90
N PRO A 505 1.57 20.49 -16.77
CA PRO A 505 0.60 19.41 -16.68
C PRO A 505 1.28 18.01 -16.66
N LEU A 506 0.58 17.00 -16.16
CA LEU A 506 1.03 15.61 -16.35
C LEU A 506 1.27 15.36 -17.84
N PRO A 507 2.52 15.05 -18.25
CA PRO A 507 2.77 14.99 -19.72
C PRO A 507 1.90 13.96 -20.47
N ALA A 508 1.65 12.79 -19.89
CA ALA A 508 0.82 11.76 -20.57
C ALA A 508 -0.49 12.36 -21.05
N LEU A 509 -0.99 13.42 -20.40
CA LEU A 509 -2.33 13.91 -20.74
C LEU A 509 -2.35 14.52 -22.15
N ALA A 510 -1.23 15.03 -22.66
CA ALA A 510 -1.19 15.60 -24.00
C ALA A 510 -1.51 14.54 -25.06
N TYR A 511 -1.29 13.25 -24.75
CA TYR A 511 -1.46 12.18 -25.73
C TYR A 511 -2.83 11.51 -25.59
N LYS A 512 -3.74 12.05 -24.78
CA LYS A 512 -4.92 11.27 -24.43
C LYS A 512 -6.18 12.12 -24.60
N PRO A 513 -6.44 12.57 -25.84
CA PRO A 513 -7.64 13.36 -26.18
C PRO A 513 -8.95 12.74 -25.67
N GLN A 514 -9.09 11.41 -25.72
CA GLN A 514 -10.34 10.73 -25.30
C GLN A 514 -10.48 10.71 -23.78
N SER A 515 -9.38 10.51 -23.06
CA SER A 515 -9.43 10.47 -21.61
C SER A 515 -9.79 11.87 -21.11
N ILE A 516 -9.15 12.88 -21.70
CA ILE A 516 -9.47 14.30 -21.40
C ILE A 516 -10.98 14.51 -21.51
N ALA A 517 -11.59 14.01 -22.58
CA ALA A 517 -13.04 14.21 -22.84
C ALA A 517 -13.86 13.43 -21.79
N GLU A 518 -13.40 12.24 -21.43
CA GLU A 518 -14.00 11.41 -20.36
C GLU A 518 -13.96 12.15 -19.01
N ALA A 519 -12.88 12.88 -18.74
CA ALA A 519 -12.78 13.64 -17.52
C ALA A 519 -13.73 14.85 -17.54
N GLU A 520 -14.07 15.38 -18.72
CA GLU A 520 -15.02 16.48 -18.86
C GLU A 520 -16.39 16.04 -18.35
N LEU A 521 -16.77 14.80 -18.62
CA LEU A 521 -18.01 14.26 -18.12
C LEU A 521 -17.92 14.15 -16.59
N LEU A 522 -16.77 13.68 -16.10
CA LEU A 522 -16.57 13.61 -14.67
C LEU A 522 -16.80 15.01 -14.07
N PHE A 523 -16.23 16.04 -14.68
CA PHE A 523 -16.38 17.42 -14.17
C PHE A 523 -17.87 17.80 -14.16
N ALA A 524 -18.57 17.38 -15.19
CA ALA A 524 -19.98 17.67 -15.29
C ALA A 524 -20.77 16.92 -14.20
N ASP A 525 -20.38 15.66 -13.89
CA ASP A 525 -21.04 14.88 -12.82
C ASP A 525 -20.82 15.55 -11.45
N VAL A 526 -19.68 16.18 -11.25
CA VAL A 526 -19.53 16.95 -10.02
C VAL A 526 -20.58 18.08 -9.96
N LYS A 527 -20.73 18.84 -11.02
CA LYS A 527 -21.61 20.01 -11.00
C LYS A 527 -23.06 19.58 -10.75
N ARG A 528 -23.52 18.58 -11.49
CA ARG A 528 -24.87 18.04 -11.40
C ARG A 528 -25.17 17.49 -9.99
N LYS A 529 -24.27 16.65 -9.45
CA LYS A 529 -24.42 16.05 -8.12
C LYS A 529 -24.36 17.15 -7.05
N GLY A 530 -23.58 18.18 -7.29
CA GLY A 530 -23.60 19.39 -6.44
C GLY A 530 -24.97 20.06 -6.45
N ASP A 531 -25.58 20.17 -7.61
CA ASP A 531 -26.91 20.82 -7.75
C ASP A 531 -28.00 20.04 -7.00
N THR A 532 -28.00 18.72 -7.20
CA THR A 532 -29.04 17.78 -6.74
C THR A 532 -29.03 17.69 -5.20
N LEU A 533 -27.86 17.37 -4.65
CA LEU A 533 -27.68 17.19 -3.22
C LEU A 533 -27.90 18.51 -2.47
N VAL A 534 -27.56 19.65 -3.08
CA VAL A 534 -27.82 20.92 -2.40
C VAL A 534 -29.33 21.13 -2.30
N GLU A 535 -30.07 20.66 -3.30
CA GLU A 535 -31.52 20.79 -3.27
C GLU A 535 -32.14 19.75 -2.34
N SER A 536 -31.58 18.53 -2.28
CA SER A 536 -32.33 17.39 -1.72
C SER A 536 -31.95 17.08 -0.26
N LEU A 537 -30.79 17.57 0.20
CA LEU A 537 -30.27 17.25 1.54
C LEU A 537 -30.87 18.22 2.57
N PRO A 538 -31.03 17.73 3.80
CA PRO A 538 -31.36 18.55 4.92
C PRO A 538 -30.18 19.43 5.36
N SER A 539 -30.49 20.49 6.06
CA SER A 539 -29.48 21.29 6.66
C SER A 539 -28.76 20.47 7.72
N THR A 540 -27.50 20.74 7.92
CA THR A 540 -26.78 20.06 8.99
C THR A 540 -27.52 20.31 10.30
N TYR A 541 -28.05 21.50 10.48
CA TYR A 541 -28.82 21.80 11.68
C TYR A 541 -29.97 20.79 11.85
N ASP A 542 -30.85 20.69 10.85
CA ASP A 542 -32.07 19.84 10.97
C ASP A 542 -31.67 18.37 11.24
N LEU A 543 -30.57 17.89 10.66
CA LEU A 543 -30.19 16.48 10.84
C LEU A 543 -29.77 16.24 12.29
N LEU A 544 -29.07 17.21 12.85
CA LEU A 544 -28.57 17.14 14.21
C LEU A 544 -29.76 17.12 15.17
N ARG A 545 -30.75 17.96 14.87
CA ARG A 545 -31.95 18.04 15.69
C ARG A 545 -32.61 16.67 15.75
N GLN A 546 -32.69 15.99 14.63
CA GLN A 546 -33.32 14.68 14.62
C GLN A 546 -32.43 13.65 15.31
N LEU A 547 -31.11 13.69 15.08
CA LEU A 547 -30.18 12.67 15.64
C LEU A 547 -30.11 12.80 17.17
N HIS A 548 -29.96 14.03 17.66
CA HIS A 548 -29.84 14.26 19.08
C HIS A 548 -31.22 14.31 19.74
N GLY A 549 -32.26 14.12 18.94
CA GLY A 549 -33.65 14.19 19.39
C GLY A 549 -34.03 15.58 19.90
N ALA A 550 -33.34 16.65 19.47
CA ALA A 550 -33.54 18.04 20.01
C ALA A 550 -34.86 18.67 19.52
N SER A 551 -35.41 18.14 18.41
CA SER A 551 -36.73 18.53 17.87
C SER A 551 -37.71 17.34 17.99
N MET B 21 2.20 25.44 -28.46
CA MET B 21 3.48 24.75 -28.87
C MET B 21 3.30 23.24 -28.64
N ASP B 22 3.60 22.44 -29.66
CA ASP B 22 3.59 20.97 -29.53
C ASP B 22 5.02 20.50 -29.28
N ASN B 23 5.31 20.03 -28.05
CA ASN B 23 6.62 19.50 -27.69
C ASN B 23 6.47 17.99 -27.38
N ARG B 24 5.42 17.37 -27.90
CA ARG B 24 5.14 15.96 -27.62
C ARG B 24 6.21 15.09 -28.29
N ILE B 25 6.34 13.88 -27.79
CA ILE B 25 6.91 12.79 -28.55
C ILE B 25 5.99 12.56 -29.75
N LYS B 26 6.58 12.48 -30.93
CA LYS B 26 5.84 12.28 -32.19
C LYS B 26 6.04 10.84 -32.68
N THR B 27 7.25 10.28 -32.49
CA THR B 27 7.55 8.92 -32.94
C THR B 27 8.23 8.11 -31.82
N VAL B 28 7.73 6.90 -31.66
CA VAL B 28 8.29 5.93 -30.75
C VAL B 28 8.84 4.78 -31.58
N VAL B 29 10.13 4.48 -31.44
CA VAL B 29 10.72 3.32 -32.11
C VAL B 29 11.00 2.24 -31.06
N ILE B 30 10.36 1.09 -31.22
CA ILE B 30 10.66 -0.06 -30.41
C ILE B 30 11.58 -0.99 -31.21
N LEU B 31 12.79 -1.22 -30.67
CA LEU B 31 13.69 -2.26 -31.20
C LEU B 31 13.32 -3.60 -30.59
N GLY B 32 12.79 -4.53 -31.38
CA GLY B 32 12.59 -5.87 -30.89
C GLY B 32 11.16 -6.33 -31.12
N GLY B 33 11.03 -7.58 -31.59
CA GLY B 33 9.76 -8.13 -31.95
C GLY B 33 9.53 -9.44 -31.25
N GLY B 34 9.98 -9.54 -30.01
CA GLY B 34 9.59 -10.67 -29.17
C GLY B 34 8.34 -10.35 -28.37
N THR B 35 8.21 -10.94 -27.20
CA THR B 35 7.04 -10.66 -26.38
C THR B 35 7.17 -9.23 -25.83
N ALA B 36 8.34 -8.80 -25.42
CA ALA B 36 8.50 -7.46 -24.88
C ALA B 36 8.08 -6.38 -25.90
N GLY B 37 8.56 -6.52 -27.13
CA GLY B 37 8.35 -5.54 -28.14
C GLY B 37 6.88 -5.40 -28.50
N TRP B 38 6.15 -6.51 -28.60
CA TRP B 38 4.81 -6.46 -29.14
C TRP B 38 3.81 -6.11 -28.04
N MET B 39 4.11 -6.58 -26.83
CA MET B 39 3.41 -6.09 -25.61
C MET B 39 3.53 -4.57 -25.55
N THR B 40 4.76 -4.06 -25.73
CA THR B 40 4.99 -2.60 -25.71
C THR B 40 4.19 -1.91 -26.82
N ALA B 41 4.08 -2.50 -27.99
CA ALA B 41 3.45 -1.82 -29.12
C ALA B 41 1.94 -1.84 -28.93
N ALA B 42 1.46 -3.01 -28.52
CA ALA B 42 0.05 -3.18 -28.22
C ALA B 42 -0.35 -2.19 -27.13
N TYR B 43 0.38 -2.13 -26.02
CA TYR B 43 -0.08 -1.34 -24.87
C TYR B 43 0.07 0.17 -25.15
N LEU B 44 1.20 0.63 -25.68
CA LEU B 44 1.35 2.07 -25.99
C LEU B 44 0.39 2.47 -27.12
N GLY B 45 0.10 1.55 -28.02
CA GLY B 45 -0.89 1.82 -29.05
C GLY B 45 -2.24 2.20 -28.43
N LYS B 46 -2.64 1.48 -27.39
CA LYS B 46 -3.87 1.77 -26.68
C LYS B 46 -3.71 3.04 -25.81
N ALA B 47 -2.54 3.23 -25.22
CA ALA B 47 -2.38 4.29 -24.27
C ALA B 47 -2.21 5.65 -24.95
N LEU B 48 -1.67 5.73 -26.15
CA LEU B 48 -1.34 7.06 -26.73
C LEU B 48 -2.40 7.51 -27.74
N GLN B 49 -3.44 6.70 -27.96
CA GLN B 49 -4.72 7.14 -28.61
C GLN B 49 -4.47 7.78 -29.99
N ASN B 50 -3.55 7.18 -30.76
CA ASN B 50 -3.21 7.52 -32.18
C ASN B 50 -2.67 8.95 -32.28
N THR B 51 -1.93 9.37 -31.26
CA THR B 51 -1.27 10.66 -31.25
C THR B 51 0.22 10.51 -31.56
N VAL B 52 0.73 9.29 -31.53
CA VAL B 52 2.15 9.05 -31.71
C VAL B 52 2.31 8.04 -32.85
N LYS B 53 3.39 8.12 -33.59
CA LYS B 53 3.72 7.07 -34.57
C LYS B 53 4.48 5.97 -33.83
N ILE B 54 4.09 4.71 -33.98
CA ILE B 54 4.81 3.65 -33.34
C ILE B 54 5.37 2.71 -34.39
N VAL B 55 6.68 2.50 -34.31
CA VAL B 55 7.43 1.66 -35.23
C VAL B 55 8.04 0.50 -34.43
N VAL B 56 7.83 -0.73 -34.87
CA VAL B 56 8.55 -1.87 -34.28
C VAL B 56 9.63 -2.31 -35.29
N LEU B 57 10.90 -2.20 -34.90
CA LEU B 57 12.00 -2.76 -35.70
C LEU B 57 12.44 -4.11 -35.11
N GLU B 58 12.36 -5.14 -35.96
CA GLU B 58 12.50 -6.55 -35.54
C GLU B 58 13.19 -7.36 -36.66
N ALA B 59 14.24 -8.09 -36.32
CA ALA B 59 14.98 -8.92 -37.31
C ALA B 59 14.51 -10.37 -37.25
N PRO B 60 13.90 -10.87 -38.32
CA PRO B 60 13.47 -12.26 -38.34
C PRO B 60 14.67 -13.21 -38.21
N THR B 61 15.81 -12.72 -38.69
CA THR B 61 17.13 -13.32 -38.60
C THR B 61 17.57 -13.68 -37.17
N ILE B 62 17.26 -12.80 -36.21
CA ILE B 62 17.72 -12.90 -34.81
C ILE B 62 16.59 -13.55 -34.00
N PRO B 63 16.69 -14.84 -33.69
CA PRO B 63 15.56 -15.53 -33.02
C PRO B 63 15.10 -14.84 -31.73
N ARG B 64 13.83 -15.03 -31.39
CA ARG B 64 13.27 -14.57 -30.12
C ARG B 64 13.18 -15.77 -29.17
N ILE B 65 13.17 -15.49 -27.87
CA ILE B 65 13.38 -16.51 -26.83
C ILE B 65 12.35 -17.64 -27.00
N GLY B 66 11.06 -17.32 -26.76
CA GLY B 66 9.86 -18.21 -26.96
C GLY B 66 10.06 -19.67 -26.52
N VAL B 67 9.74 -20.03 -25.28
CA VAL B 67 10.10 -21.39 -24.73
C VAL B 67 8.89 -22.13 -24.07
N GLY B 68 7.65 -21.63 -24.21
CA GLY B 68 6.53 -22.18 -23.39
C GLY B 68 6.53 -21.61 -21.99
N GLU B 69 5.49 -20.86 -21.64
CA GLU B 69 5.62 -19.85 -20.57
C GLU B 69 4.38 -19.83 -19.66
N ALA B 70 4.61 -19.43 -18.40
CA ALA B 70 3.58 -19.29 -17.36
C ALA B 70 3.55 -17.85 -16.84
N THR B 71 2.46 -17.47 -16.18
CA THR B 71 2.20 -16.07 -15.84
C THR B 71 1.65 -16.00 -14.40
N VAL B 72 1.29 -14.78 -13.99
CA VAL B 72 0.62 -14.53 -12.74
C VAL B 72 -0.77 -13.92 -13.01
N PRO B 73 -1.67 -14.00 -12.02
CA PRO B 73 -3.05 -13.59 -12.21
C PRO B 73 -3.30 -12.16 -12.70
N ASN B 74 -2.42 -11.20 -12.43
CA ASN B 74 -2.80 -9.82 -12.84
C ASN B 74 -2.64 -9.65 -14.36
N LEU B 75 -2.09 -10.61 -15.08
CA LEU B 75 -1.93 -10.46 -16.52
C LEU B 75 -3.24 -10.00 -17.18
N GLN B 76 -4.33 -10.72 -16.97
CA GLN B 76 -5.58 -10.38 -17.67
C GLN B 76 -6.00 -8.95 -17.31
N ARG B 77 -5.87 -8.52 -16.06
CA ARG B 77 -6.45 -7.22 -15.60
C ARG B 77 -5.52 -6.05 -15.97
N ALA B 78 -4.21 -6.21 -15.76
CA ALA B 78 -3.23 -5.12 -15.95
C ALA B 78 -2.73 -5.00 -17.41
N PHE B 79 -3.14 -5.94 -18.29
CA PHE B 79 -2.74 -5.95 -19.71
C PHE B 79 -3.94 -6.23 -20.64
N PHE B 80 -4.38 -7.47 -20.77
CA PHE B 80 -5.28 -7.76 -21.85
C PHE B 80 -6.54 -6.89 -21.71
N ASP B 81 -7.10 -6.80 -20.51
CA ASP B 81 -8.25 -5.93 -20.22
C ASP B 81 -7.97 -4.48 -20.67
N TYR B 82 -6.73 -3.99 -20.54
CA TYR B 82 -6.46 -2.63 -20.98
C TYR B 82 -6.67 -2.53 -22.49
N LEU B 83 -6.30 -3.61 -23.19
CA LEU B 83 -6.33 -3.65 -24.66
C LEU B 83 -7.77 -3.86 -25.14
N GLY B 84 -8.69 -4.21 -24.25
CA GLY B 84 -10.07 -4.49 -24.63
C GLY B 84 -10.22 -5.91 -25.12
N ILE B 85 -9.24 -6.76 -24.80
CA ILE B 85 -9.16 -8.14 -25.30
C ILE B 85 -9.63 -9.08 -24.19
N PRO B 86 -10.78 -9.73 -24.39
CA PRO B 86 -11.32 -10.73 -23.43
C PRO B 86 -10.42 -11.96 -23.33
N GLU B 87 -10.52 -12.65 -22.20
CA GLU B 87 -9.59 -13.73 -21.83
C GLU B 87 -9.72 -14.86 -22.84
N GLU B 88 -10.97 -15.25 -23.05
CA GLU B 88 -11.30 -16.43 -23.84
C GLU B 88 -10.92 -16.18 -25.32
N GLU B 89 -10.72 -14.93 -25.71
CA GLU B 89 -10.32 -14.59 -27.07
C GLU B 89 -8.81 -14.83 -27.23
N TRP B 90 -8.00 -14.20 -26.38
CA TRP B 90 -6.57 -14.40 -26.51
C TRP B 90 -6.22 -15.84 -26.16
N MET B 91 -6.87 -16.36 -25.13
CA MET B 91 -6.57 -17.70 -24.67
C MET B 91 -6.74 -18.68 -25.85
N ARG B 92 -7.83 -18.53 -26.63
CA ARG B 92 -8.18 -19.52 -27.69
C ARG B 92 -7.11 -19.53 -28.77
N GLU B 93 -6.40 -18.40 -28.92
CA GLU B 93 -5.46 -18.19 -30.00
C GLU B 93 -4.09 -18.83 -29.69
N CYS B 94 -3.64 -18.84 -28.43
CA CYS B 94 -2.26 -19.30 -28.16
C CYS B 94 -2.24 -20.63 -27.39
N ASN B 95 -3.29 -21.42 -27.55
CA ASN B 95 -3.34 -22.73 -26.91
C ASN B 95 -3.09 -22.55 -25.40
N ALA B 96 -3.88 -21.65 -24.79
CA ALA B 96 -3.68 -21.26 -23.39
C ALA B 96 -4.31 -22.30 -22.43
N SER B 97 -3.62 -22.54 -21.32
CA SER B 97 -4.08 -23.45 -20.26
C SER B 97 -4.04 -22.76 -18.89
N TYR B 98 -4.77 -23.34 -17.94
CA TYR B 98 -5.01 -22.72 -16.65
C TYR B 98 -3.91 -23.06 -15.65
N LYS B 99 -3.51 -22.06 -14.86
CA LYS B 99 -2.48 -22.21 -13.82
C LYS B 99 -3.02 -21.72 -12.45
N MET B 100 -3.05 -22.62 -11.47
CA MET B 100 -3.54 -22.29 -10.13
C MET B 100 -2.38 -22.17 -9.14
N ALA B 101 -1.21 -22.71 -9.44
CA ALA B 101 -0.06 -22.54 -8.53
C ALA B 101 1.23 -22.92 -9.24
N VAL B 102 2.33 -22.75 -8.51
CA VAL B 102 3.55 -23.50 -8.74
C VAL B 102 3.58 -24.62 -7.68
N LYS B 103 3.79 -25.86 -8.12
CA LYS B 103 3.92 -27.03 -7.24
C LYS B 103 5.39 -27.43 -7.17
N PHE B 104 5.95 -27.44 -5.97
CA PHE B 104 7.37 -27.71 -5.79
C PHE B 104 7.56 -29.21 -5.46
N ILE B 105 8.46 -29.88 -6.17
CA ILE B 105 8.61 -31.34 -6.05
C ILE B 105 10.06 -31.66 -5.72
N ASN B 106 10.31 -32.35 -4.61
CA ASN B 106 11.64 -32.85 -4.27
C ASN B 106 12.61 -31.71 -3.98
N TRP B 107 12.12 -30.63 -3.39
CA TRP B 107 12.96 -29.49 -2.98
C TRP B 107 13.57 -29.75 -1.60
N ARG B 108 12.94 -30.60 -0.79
CA ARG B 108 13.33 -30.77 0.63
C ARG B 108 14.27 -31.97 0.79
N THR B 109 14.27 -32.88 -0.20
CA THR B 109 14.90 -34.19 -0.07
C THR B 109 15.99 -34.40 -1.13
N PRO B 110 16.97 -35.26 -0.84
CA PRO B 110 18.15 -35.40 -1.68
C PRO B 110 17.93 -36.36 -2.85
N GLY B 111 18.72 -36.20 -3.92
CA GLY B 111 18.73 -37.18 -5.02
C GLY B 111 18.72 -36.55 -6.39
N GLU B 112 18.74 -37.41 -7.40
CA GLU B 112 18.75 -37.03 -8.81
C GLU B 112 17.34 -36.56 -9.16
N GLY B 113 17.19 -36.00 -10.35
CA GLY B 113 15.88 -35.56 -10.81
C GLY B 113 14.86 -36.70 -10.89
N SER B 114 13.60 -36.42 -10.57
CA SER B 114 12.51 -37.29 -11.01
C SER B 114 11.18 -36.51 -10.93
N PRO B 115 10.24 -36.76 -11.86
CA PRO B 115 8.90 -36.15 -11.90
C PRO B 115 8.05 -36.56 -10.69
N ASP B 116 8.37 -37.74 -10.16
CA ASP B 116 7.67 -38.37 -9.06
C ASP B 116 8.28 -37.88 -7.74
N PRO B 117 7.41 -37.58 -6.77
CA PRO B 117 7.99 -37.12 -5.52
C PRO B 117 8.60 -38.25 -4.67
N ARG B 118 9.80 -38.03 -4.14
CA ARG B 118 10.37 -38.87 -3.08
C ARG B 118 9.53 -38.72 -1.80
N THR B 119 9.72 -39.67 -0.88
CA THR B 119 8.93 -39.74 0.37
C THR B 119 9.72 -39.11 1.52
N LEU B 120 9.01 -38.28 2.29
CA LEU B 120 9.49 -37.70 3.56
C LEU B 120 9.35 -38.70 4.70
N ASP B 121 9.95 -38.33 5.84
CA ASP B 121 10.02 -39.20 7.01
C ASP B 121 8.60 -39.49 7.53
N ASP B 122 7.72 -38.47 7.47
CA ASP B 122 6.30 -38.62 7.91
C ASP B 122 5.47 -39.42 6.88
N GLY B 123 6.09 -39.81 5.76
CA GLY B 123 5.42 -40.62 4.74
C GLY B 123 4.60 -39.79 3.75
N HIS B 124 4.60 -38.46 3.90
CA HIS B 124 4.08 -37.57 2.84
C HIS B 124 5.13 -37.45 1.73
N THR B 125 4.64 -37.33 0.48
CA THR B 125 5.48 -37.08 -0.71
C THR B 125 6.15 -35.71 -0.56
N ASP B 126 7.36 -35.54 -1.10
CA ASP B 126 8.04 -34.23 -0.97
C ASP B 126 7.46 -33.27 -2.01
N THR B 127 6.29 -32.73 -1.68
CA THR B 127 5.61 -31.74 -2.51
C THR B 127 4.99 -30.65 -1.61
N PHE B 128 5.03 -29.41 -2.07
CA PHE B 128 4.28 -28.29 -1.45
C PHE B 128 3.85 -27.33 -2.56
N HIS B 129 2.73 -26.63 -2.35
CA HIS B 129 2.12 -25.79 -3.37
C HIS B 129 2.33 -24.29 -3.05
N HIS B 130 2.23 -23.47 -4.09
CA HIS B 130 2.20 -22.00 -4.04
C HIS B 130 0.99 -21.50 -4.85
N PRO B 131 -0.22 -21.63 -4.27
CA PRO B 131 -1.41 -21.21 -4.95
C PRO B 131 -1.51 -19.68 -5.00
N PHE B 132 -2.51 -19.17 -5.71
CA PHE B 132 -2.78 -17.75 -5.76
C PHE B 132 -4.09 -17.48 -5.03
N GLY B 133 -4.67 -18.53 -4.45
CA GLY B 133 -5.77 -18.40 -3.50
C GLY B 133 -5.39 -17.46 -2.36
N LEU B 134 -6.33 -16.57 -2.06
CA LEU B 134 -6.15 -15.57 -1.00
C LEU B 134 -6.57 -16.22 0.32
N LEU B 135 -5.75 -16.04 1.38
CA LEU B 135 -6.03 -16.64 2.67
C LEU B 135 -7.19 -15.91 3.35
N PRO B 136 -8.17 -16.68 3.83
CA PRO B 136 -9.18 -16.05 4.66
C PRO B 136 -8.60 -15.60 6.02
N SER B 137 -9.29 -14.66 6.65
CA SER B 137 -8.84 -14.06 7.90
C SER B 137 -9.89 -14.25 8.99
N ALA B 138 -9.46 -14.27 10.25
CA ALA B 138 -10.39 -14.21 11.37
C ALA B 138 -9.82 -13.21 12.38
N ASP B 139 -10.59 -12.23 12.81
CA ASP B 139 -10.10 -11.24 13.78
C ASP B 139 -8.86 -10.51 13.21
N GLN B 140 -8.84 -10.27 11.89
CA GLN B 140 -7.81 -9.43 11.24
C GLN B 140 -6.46 -10.19 11.20
N ILE B 141 -6.52 -11.51 11.32
CA ILE B 141 -5.37 -12.37 11.30
C ILE B 141 -5.59 -13.44 10.24
N PRO B 142 -4.63 -13.63 9.36
CA PRO B 142 -4.82 -14.62 8.31
C PRO B 142 -4.67 -16.08 8.79
N LEU B 143 -5.33 -16.96 8.06
CA LEU B 143 -5.41 -18.34 8.44
C LEU B 143 -4.01 -18.93 8.66
N SER B 144 -3.03 -18.52 7.87
CA SER B 144 -1.68 -19.07 8.01
C SER B 144 -1.23 -19.07 9.48
N HIS B 145 -1.59 -18.04 10.23
CA HIS B 145 -1.04 -17.77 11.56
C HIS B 145 -1.65 -18.69 12.61
N TYR B 146 -2.97 -18.95 12.41
CA TYR B 146 -3.75 -19.96 13.14
C TYR B 146 -3.16 -21.35 12.87
N TRP B 147 -2.81 -21.61 11.61
CA TRP B 147 -2.21 -22.88 11.20
C TRP B 147 -0.82 -23.04 11.82
N ALA B 148 0.01 -22.00 11.78
CA ALA B 148 1.35 -22.01 12.38
C ALA B 148 1.29 -22.21 13.91
N ALA B 149 0.24 -21.71 14.56
CA ALA B 149 0.15 -21.77 16.03
C ALA B 149 -0.13 -23.21 16.45
N LYS B 150 -1.10 -23.84 15.80
CA LYS B 150 -1.39 -25.25 16.07
C LYS B 150 -0.18 -26.14 15.74
N ARG B 151 0.55 -25.83 14.68
CA ARG B 151 1.75 -26.60 14.37
C ARG B 151 2.72 -26.52 15.54
N LEU B 152 3.16 -25.32 15.86
CA LEU B 152 4.23 -25.11 16.84
C LEU B 152 3.80 -25.53 18.26
N GLN B 153 2.50 -25.84 18.46
CA GLN B 153 1.96 -26.29 19.76
C GLN B 153 1.63 -27.79 19.74
N GLY B 154 2.03 -28.45 18.66
CA GLY B 154 1.80 -29.86 18.52
C GLY B 154 0.34 -30.24 18.43
N GLU B 155 -0.56 -29.39 17.92
CA GLU B 155 -2.03 -29.69 17.86
C GLU B 155 -2.46 -30.11 16.46
N THR B 156 -1.53 -30.08 15.49
CA THR B 156 -1.78 -30.54 14.12
C THR B 156 -0.43 -30.87 13.48
N ASP B 157 -0.44 -31.84 12.55
CA ASP B 157 0.74 -32.16 11.72
C ASP B 157 0.43 -31.86 10.25
N GLU B 158 -0.81 -31.50 9.93
CA GLU B 158 -1.25 -31.23 8.58
C GLU B 158 -0.41 -30.10 7.95
N ASN B 159 -0.27 -30.12 6.63
CA ASN B 159 0.63 -29.20 5.90
C ASN B 159 -0.13 -27.91 5.54
N PHE B 160 0.62 -26.84 5.27
CA PHE B 160 0.05 -25.49 5.17
C PHE B 160 -0.83 -25.39 3.92
N ASP B 161 -0.36 -25.90 2.80
CA ASP B 161 -1.12 -25.81 1.57
C ASP B 161 -2.39 -26.66 1.70
N GLU B 162 -2.29 -27.82 2.32
CA GLU B 162 -3.47 -28.68 2.46
C GLU B 162 -4.49 -28.02 3.40
N ALA B 163 -4.04 -27.35 4.44
CA ALA B 163 -4.97 -26.84 5.46
C ALA B 163 -5.59 -25.51 5.04
N CYS B 164 -4.86 -24.64 4.32
CA CYS B 164 -5.25 -23.23 4.17
C CYS B 164 -5.84 -22.91 2.79
N PHE B 165 -5.57 -23.74 1.77
CA PHE B 165 -6.13 -23.51 0.43
C PHE B 165 -6.95 -24.71 -0.05
N ALA B 166 -8.23 -24.49 -0.34
CA ALA B 166 -9.01 -25.52 -1.03
C ALA B 166 -8.31 -25.88 -2.36
N ASP B 167 -7.75 -24.85 -3.00
CA ASP B 167 -7.09 -25.00 -4.31
C ASP B 167 -6.27 -26.29 -4.31
N THR B 168 -5.53 -26.57 -3.23
CA THR B 168 -4.64 -27.75 -3.18
C THR B 168 -5.40 -29.04 -3.57
N ALA B 169 -6.60 -29.24 -3.01
CA ALA B 169 -7.39 -30.46 -3.27
C ALA B 169 -7.89 -30.47 -4.72
N ILE B 170 -8.12 -29.27 -5.24
CA ILE B 170 -8.56 -29.13 -6.61
C ILE B 170 -7.36 -29.50 -7.49
N MET B 171 -6.20 -28.96 -7.22
CA MET B 171 -5.04 -29.28 -8.04
C MET B 171 -4.68 -30.78 -7.96
N ASN B 172 -4.64 -31.37 -6.77
CA ASN B 172 -4.27 -32.82 -6.65
C ASN B 172 -5.24 -33.70 -7.47
N ALA B 173 -6.50 -33.29 -7.62
CA ALA B 173 -7.51 -34.01 -8.44
C ALA B 173 -7.49 -33.54 -9.91
N LYS B 174 -6.64 -32.55 -10.20
CA LYS B 174 -6.42 -31.91 -11.50
C LYS B 174 -7.69 -31.22 -12.01
N LYS B 175 -8.60 -30.82 -11.13
CA LYS B 175 -9.84 -30.19 -11.59
C LYS B 175 -9.54 -28.73 -12.02
N ALA B 176 -10.45 -28.18 -12.80
CA ALA B 176 -10.32 -26.85 -13.37
C ALA B 176 -10.66 -25.78 -12.33
N PRO B 177 -10.28 -24.51 -12.61
CA PRO B 177 -10.70 -23.37 -11.82
C PRO B 177 -12.01 -22.76 -12.33
N ARG B 178 -12.60 -23.30 -13.40
CA ARG B 178 -13.93 -22.84 -13.82
C ARG B 178 -14.85 -24.05 -14.08
N PHE B 179 -16.13 -23.86 -13.74
CA PHE B 179 -17.22 -24.77 -14.15
C PHE B 179 -17.45 -24.67 -15.67
N LEU B 180 -18.29 -25.54 -16.20
CA LEU B 180 -18.60 -25.53 -17.64
C LEU B 180 -19.47 -24.31 -18.01
N ASP B 181 -20.25 -23.72 -17.10
CA ASP B 181 -20.96 -22.43 -17.42
C ASP B 181 -19.95 -21.27 -17.36
N MET B 182 -18.65 -21.58 -17.19
CA MET B 182 -17.52 -20.62 -17.05
C MET B 182 -17.69 -19.74 -15.80
N ARG B 183 -18.30 -20.28 -14.74
CA ARG B 183 -18.32 -19.58 -13.45
C ARG B 183 -16.99 -19.88 -12.75
N ARG B 184 -16.38 -18.83 -12.20
CA ARG B 184 -15.09 -18.93 -11.56
C ARG B 184 -15.22 -19.76 -10.26
N ALA B 185 -14.28 -20.67 -10.01
CA ALA B 185 -14.24 -21.46 -8.76
C ALA B 185 -13.09 -21.02 -7.84
N THR B 186 -12.02 -20.53 -8.45
CA THR B 186 -10.77 -20.24 -7.76
C THR B 186 -9.97 -19.20 -8.56
N ASN B 187 -8.97 -18.61 -7.92
CA ASN B 187 -8.03 -17.72 -8.62
C ASN B 187 -7.08 -18.59 -9.45
N TYR B 188 -6.62 -18.01 -10.55
CA TYR B 188 -5.77 -18.73 -11.49
C TYR B 188 -5.03 -17.74 -12.41
N ALA B 189 -3.82 -18.14 -12.81
CA ALA B 189 -2.99 -17.47 -13.81
C ALA B 189 -3.00 -18.30 -15.10
N TRP B 190 -2.02 -18.12 -16.02
CA TRP B 190 -2.06 -18.80 -17.33
C TRP B 190 -0.74 -19.48 -17.70
N HIS B 191 -0.88 -20.57 -18.45
CA HIS B 191 0.19 -21.18 -19.23
C HIS B 191 -0.05 -20.86 -20.70
N PHE B 192 1.00 -20.58 -21.47
CA PHE B 192 0.79 -20.48 -22.91
C PHE B 192 2.13 -20.57 -23.62
N ASP B 193 2.07 -20.75 -24.94
CA ASP B 193 3.28 -20.76 -25.77
C ASP B 193 3.59 -19.29 -26.12
N ALA B 194 4.77 -18.80 -25.71
CA ALA B 194 5.12 -17.37 -25.84
C ALA B 194 4.94 -16.89 -27.29
N SER B 195 5.52 -17.66 -28.21
CA SER B 195 5.45 -17.39 -29.64
C SER B 195 4.03 -16.99 -30.07
N LYS B 196 3.04 -17.74 -29.61
CA LYS B 196 1.68 -17.55 -30.06
C LYS B 196 1.12 -16.24 -29.50
N VAL B 197 1.49 -15.90 -28.27
CA VAL B 197 1.14 -14.62 -27.62
C VAL B 197 1.82 -13.49 -28.39
N ALA B 198 3.08 -13.68 -28.75
CA ALA B 198 3.81 -12.66 -29.52
C ALA B 198 3.09 -12.41 -30.85
N ALA B 199 2.74 -13.53 -31.52
CA ALA B 199 2.12 -13.48 -32.85
C ALA B 199 0.72 -12.87 -32.74
N PHE B 200 0.00 -13.19 -31.68
CA PHE B 200 -1.32 -12.61 -31.49
C PHE B 200 -1.26 -11.10 -31.26
N LEU B 201 -0.22 -10.61 -30.56
CA LEU B 201 -0.14 -9.19 -30.23
C LEU B 201 0.47 -8.42 -31.40
N ARG B 202 1.25 -9.11 -32.22
CA ARG B 202 1.75 -8.53 -33.45
C ARG B 202 0.59 -8.21 -34.40
N ASN B 203 -0.29 -9.19 -34.68
CA ASN B 203 -1.47 -8.93 -35.50
C ASN B 203 -2.29 -7.82 -34.83
N PHE B 204 -2.46 -7.90 -33.51
CA PHE B 204 -3.29 -6.92 -32.83
C PHE B 204 -2.75 -5.50 -33.06
N ALA B 205 -1.47 -5.32 -32.72
CA ALA B 205 -0.81 -4.02 -32.86
C ALA B 205 -0.94 -3.49 -34.30
N VAL B 206 -0.57 -4.30 -35.29
CA VAL B 206 -0.51 -3.85 -36.70
C VAL B 206 -1.92 -3.56 -37.25
N THR B 207 -2.88 -4.50 -37.08
CA THR B 207 -4.21 -4.38 -37.69
C THR B 207 -5.24 -3.66 -36.80
N LYS B 208 -4.92 -3.30 -35.54
CA LYS B 208 -5.92 -2.54 -34.75
C LYS B 208 -5.31 -1.28 -34.11
N GLN B 209 -4.00 -1.22 -33.86
CA GLN B 209 -3.36 -0.01 -33.27
C GLN B 209 -2.50 0.73 -34.33
N ALA B 210 -2.46 0.23 -35.57
CA ALA B 210 -1.73 0.86 -36.72
C ALA B 210 -0.24 1.10 -36.43
N VAL B 211 0.43 0.11 -35.85
CA VAL B 211 1.87 0.16 -35.60
C VAL B 211 2.60 -0.18 -36.90
N GLU B 212 3.63 0.59 -37.27
CA GLU B 212 4.43 0.23 -38.44
C GLU B 212 5.36 -0.93 -38.03
N HIS B 213 5.33 -1.99 -38.84
CA HIS B 213 6.13 -3.20 -38.65
C HIS B 213 7.25 -3.21 -39.69
N VAL B 214 8.49 -3.07 -39.24
CA VAL B 214 9.64 -3.10 -40.12
C VAL B 214 10.42 -4.40 -39.87
N GLU B 215 10.57 -5.23 -40.91
CA GLU B 215 11.30 -6.48 -40.79
C GLU B 215 12.73 -6.31 -41.31
N ASP B 216 13.66 -6.14 -40.38
CA ASP B 216 15.04 -5.91 -40.75
C ASP B 216 15.91 -5.95 -39.50
N GLU B 217 17.22 -5.87 -39.73
CA GLU B 217 18.21 -5.87 -38.67
C GLU B 217 18.76 -4.44 -38.50
N MET B 218 18.85 -3.98 -37.25
CA MET B 218 19.57 -2.75 -36.93
C MET B 218 21.07 -3.01 -37.02
N THR B 219 21.81 -2.07 -37.61
CA THR B 219 23.27 -2.13 -37.81
C THR B 219 24.00 -1.02 -37.05
N GLU B 220 23.31 0.08 -36.75
CA GLU B 220 23.92 1.26 -36.12
C GLU B 220 22.86 2.07 -35.37
N VAL B 221 23.27 2.68 -34.26
CA VAL B 221 22.42 3.57 -33.43
C VAL B 221 22.94 5.01 -33.56
N LEU B 222 22.16 5.91 -34.13
CA LEU B 222 22.63 7.28 -34.24
C LEU B 222 22.24 8.05 -32.97
N THR B 223 23.25 8.69 -32.38
CA THR B 223 23.06 9.57 -31.24
C THR B 223 23.59 10.95 -31.64
N ASP B 224 23.11 11.96 -30.92
CA ASP B 224 23.61 13.35 -30.96
C ASP B 224 24.71 13.53 -29.90
N GLU B 225 25.08 14.79 -29.62
CA GLU B 225 26.27 15.10 -28.80
C GLU B 225 25.94 14.95 -27.31
N ARG B 226 24.69 15.23 -26.95
CA ARG B 226 24.14 15.10 -25.58
C ARG B 226 23.79 13.63 -25.27
N GLY B 227 24.04 12.71 -26.19
CA GLY B 227 23.93 11.28 -25.88
C GLY B 227 22.54 10.73 -26.03
N PHE B 228 21.64 11.49 -26.66
CA PHE B 228 20.28 11.07 -26.94
C PHE B 228 20.26 10.40 -28.32
N ILE B 229 19.50 9.31 -28.45
CA ILE B 229 19.31 8.61 -29.71
C ILE B 229 18.38 9.42 -30.65
N THR B 230 18.68 9.38 -31.96
CA THR B 230 17.88 10.09 -32.97
C THR B 230 17.29 9.11 -33.98
N ALA B 231 18.03 8.06 -34.29
CA ALA B 231 17.46 7.02 -35.15
C ALA B 231 18.27 5.73 -35.03
N LEU B 232 17.68 4.68 -35.59
CA LEU B 232 18.36 3.43 -35.82
C LEU B 232 18.47 3.17 -37.33
N ARG B 233 19.66 2.79 -37.79
CA ARG B 233 19.90 2.43 -39.18
C ARG B 233 19.69 0.93 -39.32
N THR B 234 19.15 0.52 -40.46
CA THR B 234 18.87 -0.89 -40.78
C THR B 234 19.82 -1.35 -41.91
N LYS B 235 19.99 -2.66 -42.08
CA LYS B 235 20.92 -3.18 -43.12
C LYS B 235 20.45 -2.84 -44.54
N SER B 236 19.12 -2.72 -44.69
CA SER B 236 18.47 -2.38 -45.97
C SER B 236 18.78 -0.93 -46.35
N GLY B 237 19.23 -0.14 -45.38
CA GLY B 237 19.57 1.27 -45.59
C GLY B 237 18.53 2.24 -45.05
N ARG B 238 17.32 1.80 -44.74
CA ARG B 238 16.30 2.70 -44.13
C ARG B 238 16.85 3.28 -42.81
N ILE B 239 16.53 4.55 -42.53
CA ILE B 239 16.87 5.23 -41.27
C ILE B 239 15.55 5.52 -40.51
N LEU B 240 15.38 4.89 -39.36
CA LEU B 240 14.12 5.06 -38.58
C LEU B 240 14.35 6.09 -37.46
N GLN B 241 13.93 7.31 -37.73
CA GLN B 241 14.01 8.41 -36.78
C GLN B 241 12.90 8.25 -35.72
N GLY B 242 13.12 8.87 -34.57
CA GLY B 242 12.19 8.81 -33.45
C GLY B 242 12.60 9.71 -32.30
N ASP B 243 11.66 10.00 -31.40
CA ASP B 243 11.94 10.89 -30.28
C ASP B 243 12.19 10.06 -29.01
N LEU B 244 11.58 8.88 -28.93
CA LEU B 244 11.65 7.97 -27.79
C LEU B 244 11.98 6.58 -28.31
N PHE B 245 12.90 5.88 -27.64
CA PHE B 245 13.29 4.55 -28.05
C PHE B 245 13.05 3.58 -26.89
N VAL B 246 12.47 2.43 -27.19
CA VAL B 246 12.23 1.39 -26.21
C VAL B 246 13.08 0.18 -26.59
N ASP B 247 13.92 -0.25 -25.69
CA ASP B 247 14.83 -1.34 -26.00
C ASP B 247 14.21 -2.68 -25.57
N CYS B 248 13.64 -3.39 -26.53
CA CYS B 248 13.23 -4.73 -26.30
C CYS B 248 14.07 -5.65 -27.18
N SER B 249 15.39 -5.43 -27.22
CA SER B 249 16.32 -6.22 -28.03
C SER B 249 16.78 -7.47 -27.31
N GLY B 250 16.27 -7.76 -26.12
CA GLY B 250 16.68 -8.97 -25.40
C GLY B 250 17.90 -8.75 -24.53
N PHE B 251 18.51 -9.83 -24.06
CA PHE B 251 19.69 -9.79 -23.14
C PHE B 251 20.82 -8.91 -23.67
N ARG B 252 20.97 -8.80 -24.99
CA ARG B 252 22.12 -8.07 -25.59
C ARG B 252 21.99 -6.58 -25.31
N GLY B 253 20.77 -6.10 -25.17
CA GLY B 253 20.52 -4.74 -24.70
C GLY B 253 21.23 -3.72 -25.58
N LEU B 254 20.87 -3.68 -26.87
CA LEU B 254 21.66 -2.98 -27.88
C LEU B 254 21.58 -1.46 -27.73
N LEU B 255 20.51 -0.93 -27.12
CA LEU B 255 20.40 0.49 -26.90
C LEU B 255 20.82 0.85 -25.46
N ILE B 256 20.26 0.17 -24.45
CA ILE B 256 20.47 0.54 -23.05
C ILE B 256 21.90 0.16 -22.67
N ASN B 257 22.36 -1.03 -23.04
CA ASN B 257 23.68 -1.43 -22.59
C ASN B 257 24.75 -0.98 -23.60
N LYS B 258 24.54 -1.29 -24.88
CA LYS B 258 25.61 -1.16 -25.87
C LYS B 258 25.80 0.33 -26.20
N ALA B 259 24.76 0.97 -26.72
CA ALA B 259 24.82 2.32 -27.23
C ALA B 259 24.90 3.36 -26.10
N MET B 260 24.03 3.26 -25.10
CA MET B 260 23.96 4.23 -23.98
C MET B 260 25.04 3.89 -22.93
N GLU B 261 25.62 2.69 -22.94
CA GLU B 261 26.70 2.35 -21.98
C GLU B 261 26.17 2.40 -20.54
N GLU B 262 24.89 2.09 -20.35
CA GLU B 262 24.41 1.85 -19.00
C GLU B 262 24.95 0.49 -18.54
N PRO B 263 25.69 0.42 -17.44
CA PRO B 263 26.10 -0.89 -16.91
C PRO B 263 24.91 -1.73 -16.39
N PHE B 264 25.00 -3.04 -16.60
CA PHE B 264 24.16 -4.06 -15.96
C PHE B 264 24.73 -4.40 -14.58
N ILE B 265 23.89 -4.54 -13.57
CA ILE B 265 24.33 -4.93 -12.23
C ILE B 265 24.14 -6.44 -12.10
N ASP B 266 25.27 -7.16 -12.07
CA ASP B 266 25.26 -8.61 -12.04
C ASP B 266 24.89 -9.06 -10.63
N MET B 267 23.96 -10.00 -10.53
CA MET B 267 23.48 -10.45 -9.22
C MET B 267 23.49 -11.98 -9.16
N SER B 268 24.64 -12.54 -9.53
CA SER B 268 24.85 -13.96 -9.49
C SER B 268 25.29 -14.38 -8.08
N ASP B 269 25.52 -13.37 -7.22
CA ASP B 269 25.68 -13.59 -5.76
C ASP B 269 24.34 -13.52 -5.00
N HIS B 270 23.23 -13.38 -5.69
CA HIS B 270 21.93 -13.54 -5.00
C HIS B 270 21.22 -14.79 -5.52
N LEU B 271 21.27 -15.04 -6.82
CA LEU B 271 20.73 -16.30 -7.35
C LEU B 271 21.76 -16.90 -8.33
N LEU B 272 21.97 -18.20 -8.25
CA LEU B 272 23.10 -18.83 -8.92
C LEU B 272 22.74 -19.27 -10.36
N CYS B 273 21.49 -19.63 -10.61
CA CYS B 273 21.11 -20.11 -11.93
C CYS B 273 21.37 -19.04 -13.01
N ASN B 274 21.96 -19.46 -14.12
CA ASN B 274 22.27 -18.56 -15.22
C ASN B 274 22.03 -19.21 -16.60
N SER B 275 21.41 -20.41 -16.65
CA SER B 275 21.33 -21.19 -17.91
C SER B 275 20.03 -22.01 -17.91
N ALA B 276 19.63 -22.44 -19.09
CA ALA B 276 18.50 -23.36 -19.18
C ALA B 276 18.62 -24.27 -20.42
N VAL B 277 17.88 -25.37 -20.40
CA VAL B 277 17.73 -26.22 -21.56
C VAL B 277 16.28 -26.68 -21.61
N ALA B 278 15.56 -26.39 -22.70
CA ALA B 278 14.09 -26.63 -22.81
C ALA B 278 13.72 -27.31 -24.14
N THR B 279 12.48 -27.80 -24.17
CA THR B 279 11.83 -28.41 -25.32
C THR B 279 10.33 -28.57 -25.00
N ALA B 280 9.53 -28.97 -25.98
CA ALA B 280 8.08 -29.18 -25.78
C ALA B 280 7.76 -30.68 -25.87
N VAL B 281 7.40 -31.30 -24.74
CA VAL B 281 7.12 -32.73 -24.70
C VAL B 281 5.64 -32.95 -24.99
N PRO B 282 5.29 -33.84 -25.96
CA PRO B 282 3.91 -34.16 -26.31
C PRO B 282 3.30 -35.09 -25.25
N HIS B 283 1.98 -35.13 -25.19
CA HIS B 283 1.33 -35.62 -24.00
C HIS B 283 -0.06 -36.16 -24.30
N ASP B 284 -0.45 -37.15 -23.51
CA ASP B 284 -1.69 -37.87 -23.68
C ASP B 284 -2.75 -37.34 -22.69
N ASP B 285 -3.47 -36.32 -23.11
CA ASP B 285 -4.47 -35.69 -22.23
C ASP B 285 -5.65 -36.63 -21.94
N GLU B 286 -5.96 -37.61 -22.79
CA GLU B 286 -7.08 -38.48 -22.45
C GLU B 286 -6.69 -39.38 -21.27
N LYS B 287 -5.44 -39.87 -21.25
CA LYS B 287 -4.97 -40.83 -20.22
C LYS B 287 -4.77 -40.13 -18.86
N ASN B 288 -3.90 -39.11 -18.78
CA ASN B 288 -3.46 -38.56 -17.45
C ASN B 288 -4.09 -37.18 -17.19
N GLY B 289 -5.06 -36.75 -17.99
CA GLY B 289 -5.57 -35.37 -17.90
C GLY B 289 -4.46 -34.32 -18.01
N VAL B 290 -4.77 -33.09 -17.59
CA VAL B 290 -3.79 -31.98 -17.59
C VAL B 290 -3.69 -31.42 -16.16
N GLU B 291 -2.46 -31.27 -15.68
CA GLU B 291 -2.24 -30.62 -14.39
C GLU B 291 -2.51 -29.11 -14.52
N PRO B 292 -3.39 -28.49 -13.70
CA PRO B 292 -3.71 -27.07 -13.79
C PRO B 292 -2.73 -26.22 -12.98
N TYR B 293 -1.44 -26.43 -13.21
CA TYR B 293 -0.43 -25.75 -12.48
C TYR B 293 0.92 -25.99 -13.13
N THR B 294 1.88 -25.11 -12.83
CA THR B 294 3.27 -25.26 -13.22
C THR B 294 3.94 -26.09 -12.13
N SER B 295 4.60 -27.16 -12.51
CA SER B 295 5.41 -27.92 -11.58
C SER B 295 6.85 -27.43 -11.69
N SER B 296 7.56 -27.31 -10.57
CA SER B 296 8.96 -26.94 -10.55
C SER B 296 9.72 -28.08 -9.88
N ILE B 297 10.44 -28.85 -10.69
CA ILE B 297 11.01 -30.14 -10.27
C ILE B 297 12.51 -29.97 -9.98
N ALA B 298 12.87 -30.12 -8.73
CA ALA B 298 14.25 -29.90 -8.29
C ALA B 298 15.21 -30.90 -8.95
N MET B 299 16.45 -30.47 -9.10
CA MET B 299 17.48 -31.25 -9.76
C MET B 299 18.75 -31.10 -8.93
N GLU B 300 19.84 -31.74 -9.35
CA GLU B 300 21.06 -31.74 -8.54
C GLU B 300 21.67 -30.33 -8.59
N ALA B 301 21.59 -29.70 -9.74
CA ALA B 301 22.22 -28.42 -9.97
C ALA B 301 21.19 -27.37 -10.41
N GLY B 302 19.97 -27.43 -9.88
CA GLY B 302 18.95 -26.46 -10.27
C GLY B 302 17.56 -27.07 -10.21
N TRP B 303 16.70 -26.73 -11.14
CA TRP B 303 15.35 -27.27 -11.16
C TRP B 303 14.85 -27.35 -12.61
N THR B 304 13.69 -27.96 -12.81
CA THR B 304 13.13 -28.11 -14.15
C THR B 304 11.66 -27.71 -14.12
N TRP B 305 11.21 -26.90 -15.08
CA TRP B 305 9.81 -26.50 -15.11
C TRP B 305 9.00 -27.48 -15.97
N LYS B 306 7.69 -27.48 -15.76
CA LYS B 306 6.74 -28.25 -16.56
C LYS B 306 5.46 -27.42 -16.74
N ILE B 307 5.10 -27.13 -17.99
CA ILE B 307 3.99 -26.24 -18.27
C ILE B 307 2.99 -26.96 -19.17
N PRO B 308 1.99 -27.59 -18.54
CA PRO B 308 0.99 -28.32 -19.30
C PRO B 308 0.14 -27.43 -20.20
N MET B 309 -0.13 -27.98 -21.36
CA MET B 309 -0.93 -27.37 -22.40
C MET B 309 -1.68 -28.51 -23.09
N LEU B 310 -2.77 -28.19 -23.80
CA LEU B 310 -3.55 -29.22 -24.49
C LEU B 310 -2.65 -29.94 -25.50
N GLY B 311 -2.33 -31.19 -25.22
CA GLY B 311 -1.63 -32.08 -26.16
C GLY B 311 -0.14 -32.13 -25.90
N ARG B 312 0.36 -31.11 -25.23
CA ARG B 312 1.81 -31.02 -25.03
C ARG B 312 2.06 -30.28 -23.71
N PHE B 313 3.28 -30.46 -23.18
CA PHE B 313 3.77 -29.66 -22.06
C PHE B 313 5.21 -29.18 -22.32
N GLY B 314 5.42 -27.87 -22.14
CA GLY B 314 6.77 -27.29 -22.16
C GLY B 314 7.55 -27.69 -20.90
N SER B 315 8.86 -27.78 -21.01
CA SER B 315 9.67 -28.08 -19.86
C SER B 315 11.08 -27.54 -20.11
N GLY B 316 11.83 -27.34 -19.05
CA GLY B 316 13.19 -26.88 -19.17
C GLY B 316 13.91 -26.86 -17.84
N HIS B 317 15.16 -27.27 -17.87
CA HIS B 317 15.98 -27.42 -16.69
C HIS B 317 16.81 -26.15 -16.53
N VAL B 318 16.45 -25.34 -15.55
CA VAL B 318 17.20 -24.16 -15.17
C VAL B 318 18.36 -24.62 -14.29
N TYR B 319 19.58 -24.19 -14.58
CA TYR B 319 20.74 -24.60 -13.81
C TYR B 319 21.81 -23.50 -13.83
N SER B 320 22.73 -23.63 -12.87
CA SER B 320 23.93 -22.82 -12.81
C SER B 320 25.01 -23.50 -13.63
N ASP B 321 25.69 -22.72 -14.45
CA ASP B 321 26.70 -23.27 -15.33
C ASP B 321 28.04 -23.31 -14.59
N HIS B 322 28.03 -23.02 -13.29
CA HIS B 322 29.19 -23.20 -12.42
C HIS B 322 29.15 -24.57 -11.75
N PHE B 323 27.99 -25.21 -11.79
CA PHE B 323 27.81 -26.45 -11.06
C PHE B 323 27.47 -27.58 -12.05
N ALA B 324 27.29 -27.24 -13.33
CA ALA B 324 26.97 -28.24 -14.34
C ALA B 324 27.25 -27.68 -15.74
N THR B 325 27.81 -28.56 -16.57
CA THR B 325 28.07 -28.34 -17.97
C THR B 325 26.79 -28.59 -18.77
N GLN B 326 26.75 -28.07 -20.00
CA GLN B 326 25.54 -28.12 -20.83
C GLN B 326 25.16 -29.58 -21.10
N ASP B 327 26.17 -30.45 -21.07
CA ASP B 327 25.97 -31.87 -21.27
C ASP B 327 25.18 -32.46 -20.10
N GLU B 328 25.75 -32.41 -18.89
CA GLU B 328 25.12 -33.04 -17.70
C GLU B 328 23.66 -32.60 -17.60
N ALA B 329 23.42 -31.29 -17.74
CA ALA B 329 22.09 -30.72 -17.57
C ALA B 329 21.14 -31.29 -18.63
N THR B 330 21.61 -31.31 -19.88
CA THR B 330 20.83 -31.83 -21.03
C THR B 330 20.50 -33.30 -20.79
N LEU B 331 21.46 -34.01 -20.20
CA LEU B 331 21.30 -35.43 -19.94
C LEU B 331 20.30 -35.64 -18.79
N ALA B 332 20.50 -34.97 -17.65
CA ALA B 332 19.54 -35.04 -16.55
C ALA B 332 18.17 -34.56 -17.02
N PHE B 333 18.16 -33.52 -17.84
CA PHE B 333 16.89 -33.01 -18.34
C PHE B 333 16.20 -34.12 -19.14
N SER B 334 16.99 -34.85 -19.93
CA SER B 334 16.48 -35.85 -20.88
C SER B 334 15.99 -37.10 -20.14
N LYS B 335 16.75 -37.48 -19.13
CA LYS B 335 16.37 -38.56 -18.24
C LYS B 335 14.96 -38.30 -17.68
N LEU B 336 14.76 -37.07 -17.21
CA LEU B 336 13.50 -36.71 -16.58
C LEU B 336 12.31 -37.25 -17.38
N TRP B 337 12.31 -36.99 -18.68
CA TRP B 337 11.10 -37.22 -19.47
C TRP B 337 11.29 -38.45 -20.38
N GLY B 338 12.49 -39.02 -20.35
CA GLY B 338 12.82 -40.16 -21.20
C GLY B 338 12.89 -39.74 -22.65
N LEU B 339 13.81 -38.82 -22.91
CA LEU B 339 13.99 -38.24 -24.22
C LEU B 339 15.36 -38.67 -24.75
N ASP B 340 15.48 -38.65 -26.08
CA ASP B 340 16.74 -39.00 -26.75
C ASP B 340 17.70 -37.81 -26.66
N PRO B 341 18.85 -37.99 -25.97
CA PRO B 341 19.84 -36.90 -25.75
C PRO B 341 20.46 -36.35 -27.04
N ASP B 342 20.59 -37.20 -28.07
CA ASP B 342 21.38 -36.91 -29.27
C ASP B 342 20.51 -36.45 -30.46
N ASN B 343 19.17 -36.49 -30.39
CA ASN B 343 18.36 -36.08 -31.58
C ASN B 343 17.08 -35.35 -31.15
N THR B 344 17.18 -34.57 -30.05
CA THR B 344 16.03 -33.79 -29.50
C THR B 344 16.20 -32.32 -29.92
N GLU B 345 15.05 -31.65 -30.12
CA GLU B 345 14.97 -30.21 -30.52
C GLU B 345 15.16 -29.32 -29.28
N PHE B 346 16.42 -29.11 -28.90
CA PHE B 346 16.74 -28.41 -27.65
C PHE B 346 16.79 -26.90 -27.92
N ASN B 347 16.65 -26.16 -26.82
CA ASN B 347 16.65 -24.70 -26.75
C ASN B 347 17.67 -24.30 -25.68
N HIS B 348 18.92 -23.97 -26.00
CA HIS B 348 19.91 -23.63 -24.94
C HIS B 348 20.06 -22.11 -24.83
N VAL B 349 19.84 -21.54 -23.65
CA VAL B 349 20.02 -20.10 -23.50
C VAL B 349 20.78 -19.84 -22.19
N ARG B 350 21.73 -18.92 -22.28
CA ARG B 350 22.43 -18.41 -21.13
C ARG B 350 21.71 -17.12 -20.72
N PHE B 351 21.54 -16.81 -19.43
CA PHE B 351 20.76 -15.59 -19.11
C PHE B 351 21.49 -14.69 -18.09
N ARG B 352 21.14 -13.41 -18.17
CA ARG B 352 21.47 -12.41 -17.16
C ARG B 352 20.60 -12.60 -15.91
N VAL B 353 21.20 -12.38 -14.75
CA VAL B 353 20.48 -12.24 -13.51
C VAL B 353 20.87 -10.89 -12.90
N GLY B 354 19.89 -10.00 -12.82
CA GLY B 354 20.16 -8.66 -12.37
C GLY B 354 19.24 -7.64 -13.01
N ARG B 355 19.68 -6.39 -12.94
CA ARG B 355 18.96 -5.26 -13.48
C ARG B 355 19.99 -4.22 -13.90
N ASN B 356 19.58 -3.37 -14.83
CA ASN B 356 20.41 -2.27 -15.23
C ASN B 356 20.51 -1.30 -14.06
N ARG B 357 21.62 -0.57 -13.96
CA ARG B 357 21.78 0.49 -12.96
C ARG B 357 20.56 1.42 -13.02
N ARG B 358 20.28 1.89 -14.22
CA ARG B 358 19.11 2.73 -14.54
C ARG B 358 18.40 2.13 -15.75
N ALA B 359 17.11 1.87 -15.58
CA ALA B 359 16.35 1.13 -16.59
C ALA B 359 16.09 2.02 -17.82
N TRP B 360 15.94 3.31 -17.59
CA TRP B 360 15.56 4.30 -18.54
C TRP B 360 16.61 5.40 -18.44
N VAL B 361 17.27 5.65 -19.56
CA VAL B 361 18.34 6.60 -19.62
C VAL B 361 18.13 7.47 -20.86
N ARG B 362 18.21 8.77 -20.61
CA ARG B 362 18.03 9.77 -21.61
C ARG B 362 16.69 9.48 -22.32
N ASN B 363 16.67 9.11 -23.60
CA ASN B 363 15.41 8.85 -24.32
C ASN B 363 15.37 7.38 -24.72
N CYS B 364 16.04 6.52 -23.94
CA CYS B 364 15.98 5.08 -24.11
C CYS B 364 15.32 4.42 -22.88
N VAL B 365 14.30 3.63 -23.14
CA VAL B 365 13.61 2.90 -22.06
C VAL B 365 13.83 1.40 -22.29
N SER B 366 14.54 0.70 -21.38
CA SER B 366 14.65 -0.76 -21.52
C SER B 366 13.40 -1.41 -20.92
N VAL B 367 12.97 -2.46 -21.61
CA VAL B 367 11.81 -3.25 -21.27
C VAL B 367 12.12 -4.70 -21.65
N GLY B 368 11.80 -5.63 -20.77
CA GLY B 368 12.03 -7.02 -21.09
C GLY B 368 13.40 -7.47 -20.65
N LEU B 369 14.01 -8.37 -21.41
CA LEU B 369 15.27 -8.97 -20.98
C LEU B 369 16.44 -7.98 -21.16
N ALA B 370 16.17 -6.90 -21.89
CA ALA B 370 17.09 -5.77 -22.05
C ALA B 370 17.22 -5.00 -20.73
N SER B 371 16.22 -5.17 -19.86
CA SER B 371 16.08 -4.51 -18.57
C SER B 371 16.52 -5.49 -17.47
N CYS B 372 15.62 -6.00 -16.65
CA CYS B 372 16.04 -6.81 -15.51
C CYS B 372 15.62 -8.27 -15.73
N PHE B 373 16.16 -9.18 -14.95
CA PHE B 373 15.71 -10.58 -15.06
C PHE B 373 16.23 -11.42 -13.87
N VAL B 374 15.39 -12.39 -13.49
CA VAL B 374 15.71 -13.44 -12.51
C VAL B 374 15.31 -14.76 -13.16
N GLU B 375 15.79 -15.90 -12.65
CA GLU B 375 15.32 -17.18 -13.20
C GLU B 375 13.78 -17.22 -13.17
N PRO B 376 13.20 -18.10 -14.01
CA PRO B 376 11.76 -18.15 -14.17
C PRO B 376 11.02 -18.97 -13.10
N LEU B 377 11.52 -18.97 -11.87
CA LEU B 377 10.99 -19.84 -10.83
C LEU B 377 9.56 -19.42 -10.46
N GLU B 378 9.26 -18.14 -10.46
CA GLU B 378 7.91 -17.76 -10.04
C GLU B 378 7.18 -16.98 -11.15
N SER B 379 7.66 -17.12 -12.38
CA SER B 379 7.01 -16.56 -13.55
C SER B 379 7.03 -15.03 -13.48
N SER B 380 8.23 -14.48 -13.38
CA SER B 380 8.42 -13.03 -13.24
C SER B 380 8.51 -12.31 -14.60
N GLY B 381 8.90 -12.98 -15.69
CA GLY B 381 9.38 -12.28 -16.92
C GLY B 381 8.32 -11.47 -17.65
N ILE B 382 7.16 -12.05 -17.97
CA ILE B 382 6.06 -11.31 -18.66
C ILE B 382 5.47 -10.25 -17.72
N TYR B 383 5.34 -10.56 -16.42
CA TYR B 383 4.90 -9.61 -15.39
C TYR B 383 5.78 -8.34 -15.44
N PHE B 384 7.10 -8.51 -15.39
CA PHE B 384 8.04 -7.41 -15.47
C PHE B 384 7.77 -6.55 -16.70
N ILE B 385 7.44 -7.17 -17.84
CA ILE B 385 7.22 -6.41 -19.05
C ILE B 385 5.97 -5.54 -18.88
N TYR B 386 4.84 -6.09 -18.44
CA TYR B 386 3.64 -5.24 -18.49
C TYR B 386 3.67 -4.26 -17.32
N ALA B 387 4.48 -4.53 -16.30
CA ALA B 387 4.60 -3.59 -15.22
C ALA B 387 5.50 -2.41 -15.65
N ALA B 388 6.55 -2.71 -16.37
CA ALA B 388 7.42 -1.67 -16.90
C ALA B 388 6.67 -0.78 -17.90
N ILE B 389 5.88 -1.37 -18.80
CA ILE B 389 5.14 -0.59 -19.78
C ILE B 389 4.14 0.33 -19.08
N HIS B 390 3.40 -0.23 -18.14
CA HIS B 390 2.42 0.51 -17.36
C HIS B 390 3.10 1.70 -16.67
N MET B 391 4.31 1.45 -16.18
CA MET B 391 5.09 2.46 -15.46
C MET B 391 5.48 3.57 -16.44
N LEU B 392 5.70 3.18 -17.70
CA LEU B 392 6.13 4.09 -18.73
C LEU B 392 4.94 4.92 -19.20
N ALA B 393 3.82 4.28 -19.46
CA ALA B 393 2.54 5.03 -19.73
C ALA B 393 2.26 6.08 -18.64
N LYS B 394 2.49 5.74 -17.38
CA LYS B 394 2.21 6.65 -16.30
C LYS B 394 3.20 7.83 -16.29
N HIS B 395 4.44 7.56 -16.62
CA HIS B 395 5.48 8.55 -16.55
C HIS B 395 5.88 8.99 -17.96
N PHE B 396 4.96 8.92 -18.91
CA PHE B 396 5.31 9.17 -20.29
C PHE B 396 5.69 10.63 -20.51
N PRO B 397 6.85 10.84 -21.16
CA PRO B 397 7.48 12.13 -21.19
C PRO B 397 7.08 12.91 -22.45
N ASP B 398 7.50 14.15 -22.52
CA ASP B 398 7.64 14.81 -23.80
C ASP B 398 9.14 14.91 -24.09
N LYS B 399 9.51 15.82 -25.00
CA LYS B 399 10.86 15.89 -25.57
C LYS B 399 11.86 16.51 -24.57
N THR B 400 11.39 17.26 -23.59
CA THR B 400 12.27 17.76 -22.51
C THR B 400 12.75 16.62 -21.59
N PHE B 401 12.16 15.42 -21.63
CA PHE B 401 12.60 14.26 -20.79
C PHE B 401 12.87 14.71 -19.34
N ASP B 402 11.79 15.14 -18.68
CA ASP B 402 11.85 15.61 -17.29
C ASP B 402 12.58 14.55 -16.44
N LYS B 403 13.63 15.00 -15.74
CA LYS B 403 14.50 14.15 -14.87
C LYS B 403 13.68 13.37 -13.84
N VAL B 404 12.67 14.03 -13.30
CA VAL B 404 11.84 13.45 -12.28
C VAL B 404 11.00 12.35 -12.91
N LEU B 405 10.52 12.52 -14.15
CA LEU B 405 9.74 11.46 -14.76
C LEU B 405 10.62 10.22 -14.94
N VAL B 406 11.82 10.43 -15.45
CA VAL B 406 12.72 9.32 -15.69
C VAL B 406 13.07 8.65 -14.36
N ASP B 407 13.39 9.43 -13.32
CA ASP B 407 13.91 8.85 -12.08
C ASP B 407 12.85 8.09 -11.29
N ARG B 408 11.61 8.61 -11.23
CA ARG B 408 10.51 7.89 -10.59
C ARG B 408 10.27 6.57 -11.34
N PHE B 409 10.26 6.56 -12.66
CA PHE B 409 10.15 5.28 -13.38
C PHE B 409 11.24 4.31 -12.90
N ASN B 410 12.49 4.77 -12.92
CA ASN B 410 13.63 3.96 -12.53
C ASN B 410 13.52 3.45 -11.09
N ARG B 411 13.01 4.28 -10.15
CA ARG B 411 12.88 3.86 -8.75
C ARG B 411 11.82 2.75 -8.64
N GLU B 412 10.78 2.84 -9.48
CA GLU B 412 9.70 1.89 -9.50
C GLU B 412 10.21 0.53 -10.01
N ILE B 413 11.00 0.51 -11.09
CA ILE B 413 11.55 -0.72 -11.64
C ILE B 413 12.41 -1.42 -10.58
N GLU B 414 13.35 -0.63 -10.06
CA GLU B 414 14.28 -1.00 -8.95
C GLU B 414 13.55 -1.75 -7.83
N GLU B 415 12.38 -1.26 -7.43
CA GLU B 415 11.69 -1.79 -6.25
C GLU B 415 10.96 -3.08 -6.62
N MET B 416 10.29 -3.04 -7.76
CA MET B 416 9.61 -4.19 -8.31
C MET B 416 10.60 -5.34 -8.47
N PHE B 417 11.82 -5.06 -8.91
CA PHE B 417 12.79 -6.12 -9.19
C PHE B 417 13.42 -6.67 -7.90
N ASP B 418 13.70 -5.81 -6.93
CA ASP B 418 14.30 -6.27 -5.64
C ASP B 418 13.23 -7.01 -4.82
N ASP B 419 11.97 -6.63 -4.96
CA ASP B 419 10.90 -7.33 -4.25
C ASP B 419 10.93 -8.82 -4.64
N THR B 420 10.88 -9.06 -5.97
CA THR B 420 10.91 -10.39 -6.59
C THR B 420 12.24 -11.11 -6.34
N ARG B 421 13.37 -10.44 -6.44
CA ARG B 421 14.67 -11.13 -6.30
C ARG B 421 14.82 -11.75 -4.92
N ASP B 422 14.31 -11.08 -3.90
CA ASP B 422 14.36 -11.52 -2.53
C ASP B 422 13.37 -12.64 -2.29
N PHE B 423 12.19 -12.56 -2.90
CA PHE B 423 11.25 -13.64 -2.81
C PHE B 423 11.82 -14.91 -3.44
N LEU B 424 12.54 -14.77 -4.57
CA LEU B 424 13.18 -15.95 -5.23
C LEU B 424 14.30 -16.49 -4.32
N GLN B 425 15.11 -15.59 -3.77
CA GLN B 425 16.27 -15.96 -2.92
C GLN B 425 15.79 -16.77 -1.72
N ALA B 426 14.56 -16.49 -1.28
CA ALA B 426 13.88 -17.24 -0.20
C ALA B 426 13.64 -18.71 -0.57
N HIS B 427 13.55 -19.01 -1.86
CA HIS B 427 13.30 -20.37 -2.28
C HIS B 427 14.54 -21.25 -2.08
N TYR B 428 15.73 -20.65 -2.10
CA TYR B 428 16.99 -21.41 -2.15
C TYR B 428 17.70 -21.38 -0.79
N TYR B 429 17.71 -20.22 -0.16
CA TYR B 429 18.49 -20.01 1.05
C TYR B 429 17.91 -20.79 2.23
N PHE B 430 16.62 -21.10 2.18
CA PHE B 430 16.03 -21.80 3.31
C PHE B 430 15.89 -23.29 2.99
N SER B 431 16.20 -23.71 1.77
CA SER B 431 16.09 -25.12 1.42
C SER B 431 17.02 -25.99 2.30
N PRO B 432 16.49 -27.08 2.84
CA PRO B 432 17.23 -28.00 3.70
C PRO B 432 18.30 -28.85 2.99
N ARG B 433 18.20 -29.00 1.67
CA ARG B 433 19.09 -29.90 0.93
C ARG B 433 20.55 -29.43 0.99
N VAL B 434 21.42 -30.42 1.03
CA VAL B 434 22.85 -30.23 1.18
C VAL B 434 23.61 -31.32 0.41
N ASP B 435 22.94 -32.01 -0.50
CA ASP B 435 23.50 -33.23 -1.15
C ASP B 435 24.50 -32.85 -2.26
N THR B 436 24.28 -31.75 -2.97
CA THR B 436 25.11 -31.38 -4.13
C THR B 436 25.75 -30.01 -3.88
N PRO B 437 26.82 -29.67 -4.60
CA PRO B 437 27.57 -28.42 -4.35
C PRO B 437 26.76 -27.17 -4.71
N PHE B 438 25.88 -27.27 -5.71
CA PHE B 438 24.87 -26.23 -5.99
C PHE B 438 24.05 -25.92 -4.74
N TRP B 439 23.36 -26.92 -4.22
CA TRP B 439 22.46 -26.68 -3.10
C TRP B 439 23.24 -26.19 -1.87
N ARG B 440 24.46 -26.68 -1.69
CA ARG B 440 25.26 -26.22 -0.53
C ARG B 440 25.65 -24.76 -0.75
N ALA B 441 26.02 -24.38 -1.99
CA ALA B 441 26.47 -23.02 -2.30
C ALA B 441 25.33 -22.00 -2.11
N ASN B 442 24.08 -22.45 -2.13
CA ASN B 442 22.92 -21.57 -2.01
C ASN B 442 22.76 -21.15 -0.54
N LYS B 443 23.59 -21.69 0.35
CA LYS B 443 23.55 -21.24 1.73
C LYS B 443 24.74 -20.31 2.03
N GLU B 444 25.72 -20.22 1.14
CA GLU B 444 26.89 -19.36 1.34
C GLU B 444 26.55 -17.92 0.94
N LEU B 445 25.40 -17.75 0.28
CA LEU B 445 25.03 -16.49 -0.36
C LEU B 445 24.52 -15.51 0.69
N LYS B 446 24.76 -14.23 0.43
CA LYS B 446 24.30 -13.18 1.32
C LYS B 446 22.90 -12.73 0.85
N LEU B 447 22.04 -12.56 1.84
CA LEU B 447 20.67 -12.15 1.63
C LEU B 447 20.60 -10.62 1.67
N ALA B 448 19.85 -10.03 0.74
CA ALA B 448 19.60 -8.57 0.76
C ALA B 448 18.95 -8.18 2.10
N ASP B 449 19.25 -6.98 2.55
CA ASP B 449 18.85 -6.56 3.86
C ASP B 449 17.31 -6.65 3.98
N SER B 450 16.58 -6.28 2.93
CA SER B 450 15.12 -6.24 3.00
C SER B 450 14.54 -7.66 3.21
N ILE B 451 15.05 -8.68 2.55
CA ILE B 451 14.54 -10.08 2.79
C ILE B 451 14.87 -10.57 4.21
N LYS B 452 16.05 -10.25 4.74
CA LYS B 452 16.41 -10.64 6.08
C LYS B 452 15.45 -9.98 7.06
N ASP B 453 15.06 -8.75 6.79
CA ASP B 453 14.13 -8.07 7.70
C ASP B 453 12.80 -8.83 7.71
N LYS B 454 12.30 -9.21 6.52
CA LYS B 454 11.02 -9.96 6.40
C LYS B 454 11.13 -11.34 7.07
N VAL B 455 12.27 -12.01 6.93
CA VAL B 455 12.47 -13.30 7.59
C VAL B 455 12.35 -13.09 9.11
N GLU B 456 12.97 -12.02 9.58
CA GLU B 456 12.90 -11.69 11.00
C GLU B 456 11.43 -11.50 11.42
N THR B 457 10.64 -10.79 10.60
CA THR B 457 9.23 -10.52 10.90
C THR B 457 8.51 -11.86 11.00
N TYR B 458 8.74 -12.69 9.99
CA TYR B 458 8.19 -14.02 9.91
C TYR B 458 8.53 -14.84 11.16
N ARG B 459 9.79 -14.82 11.56
CA ARG B 459 10.27 -15.71 12.65
C ARG B 459 9.63 -15.28 13.96
N ALA B 460 9.32 -14.00 14.05
CA ALA B 460 8.65 -13.49 15.23
C ALA B 460 7.16 -13.88 15.22
N GLY B 461 6.73 -14.52 14.16
CA GLY B 461 5.38 -15.01 13.99
C GLY B 461 4.43 -13.96 13.47
N LEU B 462 4.98 -12.81 13.07
CA LEU B 462 4.20 -11.70 12.56
C LEU B 462 3.94 -11.94 11.08
N PRO B 463 2.90 -11.31 10.55
CA PRO B 463 2.65 -11.33 9.13
C PRO B 463 3.73 -10.62 8.32
N VAL B 464 3.95 -11.08 7.10
CA VAL B 464 4.81 -10.42 6.17
C VAL B 464 3.99 -9.94 4.97
N ASN B 465 3.91 -8.63 4.73
CA ASN B 465 3.30 -8.07 3.53
C ASN B 465 1.81 -8.44 3.41
N LEU B 466 1.03 -8.05 4.41
CA LEU B 466 -0.42 -8.33 4.36
C LEU B 466 -1.04 -7.75 3.09
N PRO B 467 -2.00 -8.47 2.48
CA PRO B 467 -2.65 -7.93 1.26
C PRO B 467 -3.43 -6.65 1.56
N VAL B 468 -3.84 -5.91 0.53
CA VAL B 468 -4.57 -4.63 0.75
C VAL B 468 -6.03 -4.78 0.27
N THR B 469 -6.44 -6.04 0.00
CA THR B 469 -7.81 -6.46 -0.41
C THR B 469 -7.80 -7.98 -0.68
N GLU B 479 -1.85 -0.70 -9.41
CA GLU B 479 -0.83 0.35 -9.27
C GLU B 479 0.28 -0.17 -8.32
N ALA B 480 0.12 0.06 -6.99
CA ALA B 480 1.20 -0.13 -5.95
C ALA B 480 1.42 -1.61 -5.60
N GLU B 481 0.57 -2.51 -6.14
CA GLU B 481 0.86 -3.96 -6.18
C GLU B 481 2.34 -4.20 -6.52
N PHE B 482 2.81 -3.52 -7.58
CA PHE B 482 4.12 -3.79 -8.19
C PHE B 482 5.25 -3.60 -7.16
N ARG B 483 5.04 -2.67 -6.22
CA ARG B 483 6.02 -2.40 -5.18
C ARG B 483 6.14 -3.58 -4.20
N ASN B 484 5.00 -4.18 -3.82
CA ASN B 484 4.92 -5.25 -2.82
C ASN B 484 3.95 -6.32 -3.33
N PHE B 485 4.38 -7.04 -4.35
CA PHE B 485 3.56 -7.97 -5.09
C PHE B 485 3.41 -9.28 -4.33
N TRP B 486 4.45 -9.72 -3.62
CA TRP B 486 4.44 -11.00 -2.90
C TRP B 486 3.87 -10.85 -1.47
N THR B 487 2.66 -11.37 -1.26
CA THR B 487 1.92 -11.20 -0.01
C THR B 487 2.28 -12.26 1.04
N ASN B 488 1.70 -12.11 2.23
CA ASN B 488 1.89 -13.00 3.38
C ASN B 488 1.63 -14.46 2.99
N GLY B 489 0.47 -14.70 2.39
CA GLY B 489 0.12 -15.98 1.80
C GLY B 489 1.27 -16.62 1.03
N SER B 490 1.96 -15.82 0.21
CA SER B 490 2.99 -16.37 -0.69
C SER B 490 4.29 -16.63 0.09
N TYR B 491 4.63 -15.81 1.08
CA TYR B 491 5.81 -16.10 1.92
C TYR B 491 5.57 -17.35 2.76
N TYR B 492 4.34 -17.58 3.19
CA TYR B 492 4.03 -18.75 3.99
C TYR B 492 4.15 -20.03 3.12
N CYS B 493 3.68 -19.99 1.87
CA CYS B 493 3.84 -21.18 0.98
C CYS B 493 5.33 -21.55 0.91
N ILE B 494 6.21 -20.57 0.72
CA ILE B 494 7.59 -20.90 0.46
C ILE B 494 8.38 -21.13 1.77
N PHE B 495 8.16 -20.34 2.81
CA PHE B 495 8.86 -20.61 4.08
C PHE B 495 8.36 -21.94 4.70
N ALA B 496 7.08 -22.09 4.89
CA ALA B 496 6.60 -23.25 5.63
C ALA B 496 6.68 -24.51 4.76
N GLY B 497 6.63 -24.31 3.45
CA GLY B 497 6.78 -25.39 2.49
C GLY B 497 8.16 -25.98 2.57
N LEU B 498 9.17 -25.11 2.61
CA LEU B 498 10.55 -25.54 2.71
C LEU B 498 10.88 -26.01 4.14
N GLY B 499 10.00 -25.73 5.11
CA GLY B 499 10.21 -26.10 6.52
C GLY B 499 10.74 -24.96 7.40
N LEU B 500 10.80 -23.74 6.88
CA LEU B 500 11.17 -22.61 7.74
C LEU B 500 9.91 -22.20 8.51
N MET B 501 9.93 -22.38 9.83
CA MET B 501 8.77 -22.03 10.63
C MET B 501 9.08 -20.76 11.44
N PRO B 502 8.05 -20.17 12.05
CA PRO B 502 8.23 -19.11 13.05
C PRO B 502 8.91 -19.64 14.32
N ARG B 503 9.52 -18.75 15.11
CA ARG B 503 10.22 -19.16 16.34
C ARG B 503 9.16 -19.61 17.34
N ASN B 504 7.99 -19.01 17.24
CA ASN B 504 6.92 -19.18 18.16
C ASN B 504 5.65 -18.68 17.46
N PRO B 505 4.49 -18.97 18.06
CA PRO B 505 3.24 -18.50 17.47
C PRO B 505 3.11 -16.97 17.58
N LEU B 506 2.27 -16.37 16.71
CA LEU B 506 1.80 -14.97 16.89
C LEU B 506 1.37 -14.78 18.34
N PRO B 507 2.03 -13.88 19.09
CA PRO B 507 1.78 -13.90 20.53
C PRO B 507 0.34 -13.51 20.86
N ALA B 508 -0.25 -12.70 19.99
CA ALA B 508 -1.54 -12.14 20.28
C ALA B 508 -2.56 -13.27 20.36
N LEU B 509 -2.26 -14.40 19.70
CA LEU B 509 -3.27 -15.46 19.61
C LEU B 509 -3.51 -16.12 20.98
N ALA B 510 -2.52 -16.10 21.86
CA ALA B 510 -2.66 -16.64 23.20
C ALA B 510 -3.81 -15.97 23.97
N TYR B 511 -4.24 -14.78 23.55
CA TYR B 511 -5.24 -14.04 24.29
C TYR B 511 -6.61 -14.07 23.58
N LYS B 512 -6.74 -14.93 22.56
CA LYS B 512 -7.84 -14.80 21.62
C LYS B 512 -8.52 -16.15 21.39
N PRO B 513 -9.02 -16.76 22.46
CA PRO B 513 -9.73 -18.03 22.30
C PRO B 513 -10.96 -17.93 21.38
N GLN B 514 -11.68 -16.82 21.33
CA GLN B 514 -12.82 -16.73 20.38
C GLN B 514 -12.33 -16.78 18.91
N SER B 515 -11.21 -16.11 18.61
CA SER B 515 -10.72 -16.02 17.23
C SER B 515 -10.16 -17.38 16.78
N ILE B 516 -9.53 -18.11 17.69
CA ILE B 516 -9.05 -19.46 17.40
C ILE B 516 -10.22 -20.37 17.00
N ALA B 517 -11.34 -20.27 17.72
CA ALA B 517 -12.53 -21.09 17.42
C ALA B 517 -13.04 -20.71 16.03
N GLU B 518 -13.03 -19.43 15.77
CA GLU B 518 -13.50 -18.91 14.51
C GLU B 518 -12.69 -19.55 13.39
N ALA B 519 -11.38 -19.53 13.54
CA ALA B 519 -10.48 -20.08 12.55
C ALA B 519 -10.69 -21.60 12.40
N GLU B 520 -11.14 -22.31 13.43
CA GLU B 520 -11.47 -23.74 13.24
C GLU B 520 -12.61 -23.81 12.23
N LEU B 521 -13.60 -22.89 12.33
CA LEU B 521 -14.67 -22.87 11.35
C LEU B 521 -14.08 -22.65 9.94
N LEU B 522 -13.11 -21.72 9.77
CA LEU B 522 -12.47 -21.42 8.44
C LEU B 522 -11.73 -22.66 7.90
N PHE B 523 -11.10 -23.43 8.79
CA PHE B 523 -10.40 -24.65 8.42
C PHE B 523 -11.39 -25.69 7.87
N ALA B 524 -12.53 -25.84 8.56
CA ALA B 524 -13.62 -26.70 8.06
C ALA B 524 -14.09 -26.17 6.70
N ASP B 525 -14.34 -24.87 6.64
CA ASP B 525 -14.80 -24.18 5.43
C ASP B 525 -13.88 -24.46 4.24
N VAL B 526 -12.56 -24.64 4.47
CA VAL B 526 -11.57 -24.96 3.42
C VAL B 526 -11.69 -26.42 2.97
N LYS B 527 -12.10 -27.31 3.88
CA LYS B 527 -12.20 -28.73 3.58
C LYS B 527 -13.53 -29.00 2.88
N ARG B 528 -14.61 -28.47 3.44
CA ARG B 528 -15.97 -28.60 2.89
C ARG B 528 -16.04 -27.99 1.48
N LYS B 529 -15.42 -26.82 1.26
CA LYS B 529 -15.29 -26.25 -0.10
C LYS B 529 -14.38 -27.10 -1.00
N GLY B 530 -13.32 -27.70 -0.45
CA GLY B 530 -12.36 -28.46 -1.27
C GLY B 530 -12.91 -29.81 -1.71
N ASP B 531 -13.73 -30.38 -0.83
CA ASP B 531 -14.55 -31.57 -1.10
C ASP B 531 -15.67 -31.25 -2.12
N THR B 532 -16.42 -30.18 -1.92
CA THR B 532 -17.60 -29.89 -2.76
C THR B 532 -17.16 -29.65 -4.21
N LEU B 533 -16.01 -28.99 -4.41
CA LEU B 533 -15.63 -28.49 -5.74
C LEU B 533 -15.10 -29.63 -6.62
N VAL B 534 -14.30 -30.57 -6.07
CA VAL B 534 -13.83 -31.70 -6.90
C VAL B 534 -15.03 -32.54 -7.40
N GLU B 535 -16.00 -32.81 -6.55
CA GLU B 535 -17.16 -33.58 -6.96
C GLU B 535 -17.93 -32.82 -8.06
N SER B 536 -18.04 -31.50 -7.94
CA SER B 536 -18.88 -30.75 -8.87
C SER B 536 -18.06 -30.24 -10.06
N LEU B 537 -16.75 -30.00 -9.89
CA LEU B 537 -16.00 -29.30 -10.94
C LEU B 537 -15.66 -30.28 -12.08
N PRO B 538 -15.55 -29.73 -13.31
CA PRO B 538 -15.07 -30.44 -14.47
C PRO B 538 -13.54 -30.52 -14.41
N SER B 539 -12.98 -31.62 -14.94
CA SER B 539 -11.52 -31.77 -15.09
C SER B 539 -10.96 -30.60 -15.89
N THR B 540 -9.64 -30.45 -15.84
CA THR B 540 -8.96 -29.32 -16.52
C THR B 540 -9.00 -29.60 -18.04
N TYR B 541 -8.60 -30.81 -18.40
CA TYR B 541 -8.72 -31.32 -19.77
C TYR B 541 -10.12 -31.05 -20.35
N ASP B 542 -11.19 -31.47 -19.69
CA ASP B 542 -12.56 -31.27 -20.24
C ASP B 542 -12.85 -29.77 -20.49
N LEU B 543 -12.38 -28.93 -19.58
CA LEU B 543 -12.60 -27.48 -19.70
C LEU B 543 -11.77 -26.92 -20.87
N LEU B 544 -10.57 -27.44 -21.07
CA LEU B 544 -9.75 -27.07 -22.21
C LEU B 544 -10.31 -27.64 -23.53
N ARG B 545 -11.14 -28.68 -23.44
CA ARG B 545 -11.78 -29.23 -24.65
C ARG B 545 -12.86 -28.26 -25.15
N GLN B 546 -13.75 -27.80 -24.28
CA GLN B 546 -14.80 -26.88 -24.68
C GLN B 546 -14.19 -25.53 -25.11
N LEU B 547 -13.10 -25.11 -24.45
CA LEU B 547 -12.46 -23.83 -24.76
C LEU B 547 -11.79 -23.91 -26.15
N HIS B 548 -10.90 -24.87 -26.32
CA HIS B 548 -10.12 -25.01 -27.55
C HIS B 548 -10.90 -25.85 -28.59
N GLY B 549 -10.18 -26.30 -29.63
CA GLY B 549 -10.73 -27.23 -30.60
C GLY B 549 -11.23 -28.50 -29.96
#